data_4OO6
#
_entry.id   4OO6
#
_cell.length_a   126.584
_cell.length_b   162.152
_cell.length_c   68.501
_cell.angle_alpha   90.000
_cell.angle_beta   90.000
_cell.angle_gamma   90.000
#
_symmetry.space_group_name_H-M   'P 21 21 2'
#
loop_
_entity.id
_entity.type
_entity.pdbx_description
1 polymer Transportin-1
2 polymer 'RNA-binding protein 39'
3 water water
#
loop_
_entity_poly.entity_id
_entity_poly.type
_entity_poly.pdbx_seq_one_letter_code
_entity_poly.pdbx_strand_id
1 'polypeptide(L)'
;MEYEWKPDEQGLQQILQLLKESQSPDTTIQRTVQQKLEQLNQYPDFNNYLIFVLTKLKSEDEPTRSLSGLILKNNVKAHF
QNFPNGVTDFIKSECLNNIGDSSPLIRATVGILITTIASKGELQNWPDLLPKLCSLLDSEDYNTCEGAFGALQKICEDSA
EILDSDVLDRPLNIMIPKFLQFFKHSSPKIRSHAVACVNQFIISRTQALMLHIDSFIENLFALAGDEEPEVRKNVCRALV
MLLEVRMDRLLPHMHNIVEYMLQRTQDQDENVALEACEFWLTLAEQPICKDVLVRHLPKLIPVLVNGMKYSDIDIILLKG
DVEGGSGGSGDDTISDWNLRKCSAAALDVLANVYRDELLPHILPLLKELLFHHEWVVKESGILVLGAIAEGCMQGMIPYL
PELIPHLIQCLSDKKALVRSITCWTLSRYAHWVVSQPPDTYLKPLMTELLKRILDSNKRVQEAACSAFATLEEEACTELV
PYLAYILDTLVFAFSKYQHKNLLILYDAIGTLADSVGHHLNKPEYIQMLMPPLIQKWNMLKDEDKDLFPLLECLSSVATA
LQSGFLPYCEPVYQRCVNLVQKTLAQAMLNNAQPDQYEAPDKDFMIVALDLLSGLAEGLGGNIEQLVARSNILTLMYQCM
QDKMPEVRQSSFALLGDLTKACFQHVKPCIADFMPILGTNLNPEFISVCNNATWAIGEISIQMGIEMQPYIPMVLHQLVE
IINRPNTPKTLLENTAITIGRLGYVCPQEVAPMLQQFIRPWCTSLRNIRDNEEKDSAFRGICTMISVNPSGVIQDFIFFC
DAVASWINPKDDLRDMFCKILHGFKNQVGDENWRRFSDQFPLPLKERLAAFYGV
;
A
2 'polypeptide(L)' RSRSKERRRSRSRSRDRRFRGRYRSPY B
#
# COMPACT_ATOMS: atom_id res chain seq x y z
N TRP A 5 43.03 32.36 11.14
CA TRP A 5 43.20 32.79 9.71
C TRP A 5 43.02 34.30 9.58
N LYS A 6 43.70 34.86 8.56
CA LYS A 6 43.77 36.31 8.35
C LYS A 6 43.06 36.75 7.07
N PRO A 7 41.96 37.51 7.20
CA PRO A 7 41.31 38.04 6.02
C PRO A 7 42.03 39.27 5.50
N ASP A 8 41.81 39.56 4.24
CA ASP A 8 42.43 40.70 3.63
C ASP A 8 41.45 41.87 3.60
N GLU A 9 41.95 43.06 3.92
CA GLU A 9 41.11 44.24 3.98
C GLU A 9 40.44 44.57 2.63
N GLN A 10 40.95 44.05 1.53
CA GLN A 10 40.35 44.31 0.21
C GLN A 10 39.36 43.21 -0.23
N GLY A 11 39.70 41.94 0.06
CA GLY A 11 38.76 40.84 -0.16
C GLY A 11 37.46 41.04 0.62
N LEU A 12 37.61 41.51 1.85
CA LEU A 12 36.48 41.77 2.73
C LEU A 12 35.49 42.77 2.12
N GLN A 13 35.98 43.92 1.69
CA GLN A 13 35.15 44.94 1.03
C GLN A 13 34.24 44.31 -0.02
N GLN A 14 34.81 43.36 -0.77
CA GLN A 14 34.11 42.76 -1.92
C GLN A 14 32.95 41.92 -1.49
N ILE A 15 33.20 41.10 -0.49
CA ILE A 15 32.18 40.18 0.01
C ILE A 15 31.06 40.95 0.69
N LEU A 16 31.38 41.99 1.44
CA LEU A 16 30.34 42.83 2.06
C LEU A 16 29.46 43.51 1.03
N GLN A 17 30.03 43.90 -0.11
CA GLN A 17 29.25 44.44 -1.23
C GLN A 17 28.28 43.38 -1.76
N LEU A 18 28.74 42.13 -1.87
CA LEU A 18 27.86 41.02 -2.27
C LEU A 18 26.78 40.75 -1.23
N LEU A 19 27.18 40.61 0.03
CA LEU A 19 26.22 40.31 1.07
C LEU A 19 25.16 41.38 1.08
N LYS A 20 25.59 42.65 1.02
CA LYS A 20 24.64 43.77 1.01
C LYS A 20 23.78 43.80 -0.26
N GLU A 21 24.36 43.43 -1.40
CA GLU A 21 23.56 43.24 -2.60
C GLU A 21 22.56 42.09 -2.51
N SER A 22 23.02 40.91 -2.12
CA SER A 22 22.16 39.72 -2.09
C SER A 22 20.97 39.90 -1.14
N GLN A 23 21.15 40.81 -0.19
CA GLN A 23 20.13 41.25 0.75
C GLN A 23 19.43 42.48 0.15
N SER A 24 18.57 42.26 -0.85
CA SER A 24 18.05 43.36 -1.67
C SER A 24 16.61 43.16 -2.13
N PRO A 25 15.94 44.25 -2.54
CA PRO A 25 14.57 44.16 -3.04
C PRO A 25 14.39 43.68 -4.49
N ASP A 26 15.19 44.20 -5.44
CA ASP A 26 14.91 43.95 -6.87
C ASP A 26 15.19 42.49 -7.27
N THR A 27 14.27 41.95 -8.08
CA THR A 27 14.36 40.58 -8.58
C THR A 27 15.61 40.33 -9.44
N THR A 28 15.86 41.17 -10.43
CA THR A 28 16.96 40.94 -11.38
C THR A 28 18.33 41.26 -10.77
N ILE A 29 18.32 42.07 -9.72
CA ILE A 29 19.54 42.37 -8.97
C ILE A 29 19.95 41.15 -8.14
N GLN A 30 19.00 40.27 -7.86
CA GLN A 30 19.29 39.03 -7.14
C GLN A 30 19.79 37.91 -8.05
N ARG A 31 19.32 37.87 -9.29
CA ARG A 31 19.68 36.80 -10.23
C ARG A 31 21.15 36.86 -10.62
N THR A 32 21.65 38.08 -10.79
CA THR A 32 23.06 38.31 -11.16
C THR A 32 23.98 37.95 -9.99
N VAL A 33 23.69 38.56 -8.83
CA VAL A 33 24.39 38.25 -7.54
C VAL A 33 24.31 36.77 -7.11
N GLN A 34 23.24 36.08 -7.46
CA GLN A 34 23.16 34.65 -7.23
C GLN A 34 24.28 33.96 -7.98
N GLN A 35 24.39 34.23 -9.27
CA GLN A 35 25.38 33.57 -10.12
C GLN A 35 26.79 34.11 -9.90
N LYS A 36 26.92 35.28 -9.27
CA LYS A 36 28.21 35.73 -8.78
C LYS A 36 28.74 34.89 -7.62
N LEU A 37 27.83 34.39 -6.78
CA LEU A 37 28.21 33.50 -5.67
C LEU A 37 28.50 32.11 -6.18
N GLU A 38 27.81 31.70 -7.24
CA GLU A 38 28.00 30.36 -7.81
C GLU A 38 29.44 30.21 -8.31
N GLN A 39 30.04 31.32 -8.76
CA GLN A 39 31.45 31.37 -9.17
C GLN A 39 32.39 31.14 -7.99
N LEU A 40 32.24 31.99 -6.97
CA LEU A 40 33.13 31.98 -5.81
C LEU A 40 33.05 30.71 -4.94
N ASN A 41 31.93 29.99 -5.00
CA ASN A 41 31.68 28.75 -4.21
C ASN A 41 32.87 27.83 -4.01
N GLN A 42 33.45 27.39 -5.12
CA GLN A 42 34.43 26.30 -5.11
C GLN A 42 35.81 26.78 -4.60
N TYR A 43 36.00 28.10 -4.50
CA TYR A 43 37.21 28.66 -3.89
C TYR A 43 37.07 28.57 -2.37
N PRO A 44 37.84 27.67 -1.73
CA PRO A 44 37.67 27.38 -0.30
C PRO A 44 37.76 28.62 0.59
N ASP A 45 38.68 29.50 0.24
CA ASP A 45 38.94 30.72 0.96
C ASP A 45 37.71 31.64 1.04
N PHE A 46 36.73 31.41 0.18
CA PHE A 46 35.44 32.09 0.27
C PHE A 46 34.80 31.80 1.60
N ASN A 47 34.74 30.52 1.93
CA ASN A 47 34.14 30.06 3.16
C ASN A 47 34.84 30.61 4.39
N ASN A 48 36.15 30.81 4.31
CA ASN A 48 36.86 31.50 5.38
C ASN A 48 36.32 32.92 5.61
N TYR A 49 35.99 33.64 4.55
CA TYR A 49 35.41 34.96 4.72
C TYR A 49 34.02 34.91 5.32
N LEU A 50 33.21 34.00 4.83
CA LEU A 50 31.82 33.92 5.25
C LEU A 50 31.73 33.76 6.75
N ILE A 51 32.44 32.75 7.25
CA ILE A 51 32.41 32.41 8.65
C ILE A 51 33.08 33.51 9.44
N PHE A 52 34.05 34.19 8.85
CA PHE A 52 34.63 35.37 9.46
C PHE A 52 33.61 36.50 9.67
N VAL A 53 32.91 36.88 8.61
CA VAL A 53 31.89 37.92 8.72
C VAL A 53 30.87 37.56 9.81
N LEU A 54 30.54 36.29 9.95
CA LEU A 54 29.59 35.86 10.98
C LEU A 54 30.18 35.99 12.40
N THR A 55 31.18 35.18 12.67
CA THR A 55 31.64 34.95 14.02
C THR A 55 32.54 36.07 14.58
N LYS A 56 33.14 36.86 13.69
CA LYS A 56 33.87 38.07 14.04
C LYS A 56 33.18 39.16 13.26
N LEU A 57 33.72 40.37 13.30
CA LEU A 57 33.14 41.46 12.54
C LEU A 57 31.82 41.91 13.18
N LYS A 58 31.88 42.19 14.49
CA LYS A 58 30.70 42.60 15.27
C LYS A 58 30.29 44.00 14.86
N SER A 59 31.24 44.80 14.38
CA SER A 59 30.98 46.12 13.83
C SER A 59 30.03 46.00 12.65
N GLU A 60 30.02 44.84 12.01
CA GLU A 60 29.09 44.60 10.93
C GLU A 60 27.70 44.23 11.46
N ASP A 61 26.74 44.46 10.59
CA ASP A 61 25.31 44.40 10.85
C ASP A 61 24.82 42.95 11.07
N GLU A 62 23.69 42.77 11.76
CA GLU A 62 23.18 41.43 12.14
C GLU A 62 22.52 40.63 10.97
N PRO A 63 21.60 41.24 10.20
CA PRO A 63 21.13 40.62 8.95
C PRO A 63 22.21 40.19 7.95
N THR A 64 23.30 40.96 7.87
CA THR A 64 24.35 40.63 6.92
C THR A 64 25.19 39.49 7.50
N ARG A 65 25.55 39.59 8.78
CA ARG A 65 26.30 38.50 9.41
C ARG A 65 25.56 37.16 9.36
N SER A 66 24.25 37.20 9.51
CA SER A 66 23.44 36.00 9.49
C SER A 66 23.43 35.43 8.11
N LEU A 67 23.15 36.25 7.12
CA LEU A 67 23.16 35.78 5.74
C LEU A 67 24.51 35.17 5.29
N SER A 68 25.61 35.76 5.74
CA SER A 68 26.94 35.21 5.53
C SER A 68 27.01 33.76 6.04
N GLY A 69 26.47 33.52 7.24
CA GLY A 69 26.44 32.17 7.81
C GLY A 69 25.50 31.24 7.04
N LEU A 70 24.45 31.80 6.48
CA LEU A 70 23.46 30.98 5.84
C LEU A 70 23.90 30.62 4.45
N ILE A 71 24.64 31.50 3.81
CA ILE A 71 25.21 31.20 2.50
C ILE A 71 26.25 30.10 2.61
N LEU A 72 27.15 30.24 3.57
CA LEU A 72 28.14 29.23 3.91
C LEU A 72 27.50 27.86 4.18
N LYS A 73 26.37 27.90 4.86
CA LYS A 73 25.64 26.67 5.13
C LYS A 73 25.19 25.98 3.81
N ASN A 74 24.68 26.76 2.85
CA ASN A 74 24.33 26.22 1.53
C ASN A 74 25.52 25.65 0.79
N ASN A 75 26.68 26.26 1.02
CA ASN A 75 27.93 25.76 0.50
C ASN A 75 28.25 24.46 1.13
N VAL A 76 28.12 24.41 2.44
CA VAL A 76 28.36 23.16 3.12
C VAL A 76 27.53 22.06 2.46
N LYS A 77 26.23 22.30 2.25
CA LYS A 77 25.39 21.30 1.60
C LYS A 77 25.94 20.93 0.22
N ALA A 78 26.17 21.95 -0.59
CA ALA A 78 26.58 21.77 -1.98
C ALA A 78 27.98 21.14 -2.16
N HIS A 79 28.97 21.65 -1.44
CA HIS A 79 30.38 21.46 -1.81
C HIS A 79 31.29 21.14 -0.63
N PHE A 80 30.80 20.41 0.37
CA PHE A 80 31.56 20.32 1.63
C PHE A 80 32.73 19.33 1.59
N GLN A 81 32.52 18.19 0.95
CA GLN A 81 33.57 17.18 0.76
C GLN A 81 34.87 17.80 0.23
N ASN A 82 34.73 18.80 -0.64
CA ASN A 82 35.90 19.52 -1.20
C ASN A 82 36.53 20.58 -0.30
N PHE A 83 35.89 20.98 0.79
CA PHE A 83 36.51 21.92 1.72
C PHE A 83 37.83 21.28 2.19
N PRO A 84 38.89 22.09 2.28
CA PRO A 84 40.11 21.60 2.89
C PRO A 84 39.96 21.58 4.39
N ASN A 85 40.75 20.72 5.02
CA ASN A 85 40.63 20.44 6.44
C ASN A 85 40.89 21.63 7.33
N GLY A 86 41.71 22.57 6.89
CA GLY A 86 42.00 23.75 7.70
C GLY A 86 40.87 24.77 7.71
N VAL A 87 40.14 24.83 6.59
CA VAL A 87 38.97 25.68 6.53
C VAL A 87 37.91 25.06 7.43
N THR A 88 37.65 23.77 7.18
CA THR A 88 36.68 23.01 7.94
C THR A 88 36.93 23.20 9.42
N ASP A 89 38.14 22.83 9.86
CA ASP A 89 38.49 22.89 11.28
C ASP A 89 38.39 24.32 11.83
N PHE A 90 38.55 25.32 10.96
CA PHE A 90 38.34 26.72 11.34
C PHE A 90 36.88 26.95 11.66
N ILE A 91 36.03 26.46 10.76
CA ILE A 91 34.60 26.68 10.86
C ILE A 91 34.08 26.02 12.12
N LYS A 92 34.38 24.74 12.27
CA LYS A 92 33.88 23.97 13.40
C LYS A 92 34.23 24.68 14.71
N SER A 93 35.50 25.01 14.91
CA SER A 93 35.92 25.66 16.15
C SER A 93 35.19 26.99 16.32
N GLU A 94 35.03 27.71 15.22
CA GLU A 94 34.42 29.02 15.26
C GLU A 94 32.92 28.97 15.65
N CYS A 95 32.21 28.03 15.04
CA CYS A 95 30.86 27.73 15.43
C CYS A 95 30.77 27.41 16.90
N LEU A 96 31.51 26.42 17.36
CA LEU A 96 31.38 26.03 18.75
C LEU A 96 31.65 27.17 19.74
N ASN A 97 32.51 28.11 19.40
CA ASN A 97 32.75 29.23 20.31
C ASN A 97 31.59 30.18 20.39
N ASN A 98 30.71 30.16 19.38
CA ASN A 98 29.58 31.10 19.31
C ASN A 98 28.18 30.50 19.36
N ILE A 99 28.09 29.26 19.83
CA ILE A 99 26.83 28.54 19.83
C ILE A 99 25.81 29.15 20.79
N GLY A 100 26.30 29.91 21.76
CA GLY A 100 25.43 30.59 22.72
C GLY A 100 25.61 32.09 22.64
N ASP A 101 25.72 32.59 21.40
CA ASP A 101 25.81 34.02 21.17
C ASP A 101 24.60 34.67 21.78
N SER A 102 24.78 35.90 22.24
CA SER A 102 23.68 36.66 22.84
C SER A 102 22.54 36.93 21.87
N SER A 103 22.84 37.09 20.59
CA SER A 103 21.81 37.41 19.58
C SER A 103 21.08 36.18 19.03
N PRO A 104 19.73 36.12 19.20
CA PRO A 104 18.96 34.97 18.72
C PRO A 104 19.14 34.61 17.23
N LEU A 105 19.30 35.62 16.38
CA LEU A 105 19.46 35.38 14.94
C LEU A 105 20.86 34.81 14.65
N ILE A 106 21.87 35.41 15.26
CA ILE A 106 23.21 34.91 15.14
C ILE A 106 23.23 33.47 15.69
N ARG A 107 22.71 33.29 16.90
CA ARG A 107 22.70 31.99 17.54
C ARG A 107 22.08 30.92 16.66
N ALA A 108 20.98 31.27 16.01
CA ALA A 108 20.22 30.30 15.24
C ALA A 108 21.00 29.88 14.02
N THR A 109 21.59 30.89 13.38
CA THR A 109 22.45 30.70 12.22
C THR A 109 23.63 29.76 12.55
N VAL A 110 24.34 30.07 13.62
CA VAL A 110 25.47 29.24 14.03
C VAL A 110 24.99 27.82 14.29
N GLY A 111 23.81 27.73 14.87
CA GLY A 111 23.22 26.44 15.19
C GLY A 111 23.03 25.54 13.98
N ILE A 112 22.54 26.14 12.91
CA ILE A 112 22.17 25.36 11.74
C ILE A 112 23.41 24.95 10.95
N LEU A 113 24.42 25.82 10.95
CA LEU A 113 25.72 25.43 10.47
C LEU A 113 26.19 24.20 11.19
N ILE A 114 26.19 24.26 12.53
CA ILE A 114 26.68 23.14 13.32
C ILE A 114 25.97 21.86 12.87
N THR A 115 24.64 21.90 12.82
CA THR A 115 23.85 20.70 12.52
C THR A 115 24.05 20.27 11.06
N THR A 116 24.17 21.22 10.14
CA THR A 116 24.35 20.89 8.73
C THR A 116 25.68 20.22 8.48
N ILE A 117 26.74 20.79 9.03
CA ILE A 117 28.05 20.19 8.94
C ILE A 117 28.04 18.79 9.56
N ALA A 118 27.27 18.63 10.63
CA ALA A 118 27.23 17.37 11.34
C ALA A 118 26.53 16.25 10.57
N SER A 119 25.62 16.62 9.66
CA SER A 119 24.97 15.60 8.84
C SER A 119 25.71 15.40 7.51
N LYS A 120 25.98 16.49 6.79
CA LYS A 120 26.64 16.42 5.48
C LYS A 120 28.06 15.93 5.67
N GLY A 121 28.78 16.60 6.56
CA GLY A 121 30.15 16.21 6.90
C GLY A 121 30.26 14.89 7.63
N GLU A 122 29.20 14.46 8.30
CA GLU A 122 29.21 13.15 8.95
C GLU A 122 29.92 13.21 10.32
N LEU A 123 29.42 12.42 11.27
CA LEU A 123 29.78 12.61 12.69
C LEU A 123 31.15 12.09 13.09
N GLN A 124 31.57 10.97 12.51
CA GLN A 124 32.90 10.40 12.81
C GLN A 124 34.03 11.38 12.45
N ASN A 125 33.80 12.25 11.47
CA ASN A 125 34.77 13.31 11.08
C ASN A 125 34.77 14.55 12.00
N TRP A 126 33.79 14.64 12.90
CA TRP A 126 33.80 15.62 13.98
C TRP A 126 33.66 14.86 15.30
N PRO A 127 34.70 14.11 15.67
CA PRO A 127 34.54 13.12 16.76
C PRO A 127 34.46 13.72 18.17
N ASP A 128 34.74 15.01 18.32
CA ASP A 128 34.62 15.69 19.60
C ASP A 128 33.29 16.42 19.77
N LEU A 129 32.48 16.47 18.71
CA LEU A 129 31.28 17.28 18.70
C LEU A 129 30.31 16.96 19.82
N LEU A 130 30.04 15.67 20.03
CA LEU A 130 29.10 15.26 21.06
C LEU A 130 29.56 15.53 22.49
N PRO A 131 30.75 15.02 22.88
CA PRO A 131 31.19 15.37 24.24
C PRO A 131 31.28 16.86 24.48
N LYS A 132 31.56 17.61 23.42
CA LYS A 132 31.64 19.05 23.52
C LYS A 132 30.25 19.64 23.76
N LEU A 133 29.28 19.31 22.92
CA LEU A 133 27.89 19.74 23.12
C LEU A 133 27.33 19.27 24.47
N CYS A 134 27.55 18.00 24.81
CA CYS A 134 27.12 17.52 26.11
C CYS A 134 27.73 18.34 27.27
N SER A 135 29.02 18.67 27.19
CA SER A 135 29.66 19.52 28.20
C SER A 135 29.00 20.93 28.33
N LEU A 136 28.56 21.50 27.20
CA LEU A 136 27.99 22.84 27.19
C LEU A 136 26.59 22.89 27.75
N LEU A 137 25.98 21.73 27.94
CA LEU A 137 24.66 21.67 28.55
C LEU A 137 24.69 22.10 30.01
N ASP A 138 25.85 21.93 30.63
CA ASP A 138 26.02 22.33 32.00
C ASP A 138 26.47 23.79 32.19
N SER A 139 26.73 24.48 31.08
CA SER A 139 27.08 25.90 31.10
C SER A 139 26.18 26.72 32.04
N GLU A 140 26.78 27.68 32.73
CA GLU A 140 26.04 28.58 33.58
C GLU A 140 25.28 29.56 32.68
N ASP A 141 25.82 29.85 31.50
CA ASP A 141 25.17 30.76 30.54
C ASP A 141 24.00 30.06 29.84
N TYR A 142 22.79 30.48 30.17
CA TYR A 142 21.59 29.87 29.63
C TYR A 142 21.60 29.68 28.11
N ASN A 143 21.88 30.75 27.38
CA ASN A 143 21.86 30.69 25.92
C ASN A 143 22.78 29.64 25.34
N THR A 144 23.80 29.27 26.08
CA THR A 144 24.76 28.24 25.65
C THR A 144 24.14 26.87 25.81
N CYS A 145 23.54 26.65 26.97
CA CYS A 145 22.73 25.48 27.23
C CYS A 145 21.72 25.32 26.10
N GLU A 146 20.88 26.33 25.87
CA GLU A 146 19.85 26.21 24.84
C GLU A 146 20.47 25.83 23.49
N GLY A 147 21.51 26.55 23.09
CA GLY A 147 22.16 26.37 21.79
C GLY A 147 22.66 24.95 21.57
N ALA A 148 23.26 24.39 22.61
CA ALA A 148 23.84 23.04 22.53
C ALA A 148 22.74 22.01 22.33
N PHE A 149 21.65 22.19 23.07
CA PHE A 149 20.49 21.33 23.01
C PHE A 149 19.71 21.50 21.74
N GLY A 150 19.68 22.71 21.20
CA GLY A 150 19.12 22.94 19.87
C GLY A 150 19.83 22.07 18.87
N ALA A 151 21.16 22.05 18.94
CA ALA A 151 21.96 21.26 18.01
C ALA A 151 21.73 19.80 18.29
N LEU A 152 21.94 19.40 19.53
CA LEU A 152 21.71 18.02 19.92
C LEU A 152 20.34 17.45 19.49
N GLN A 153 19.26 18.20 19.66
CA GLN A 153 17.98 17.75 19.14
C GLN A 153 18.08 17.43 17.65
N LYS A 154 18.52 18.39 16.87
CA LYS A 154 18.61 18.21 15.42
C LYS A 154 19.52 17.05 15.01
N ILE A 155 20.61 16.87 15.72
CA ILE A 155 21.50 15.78 15.45
C ILE A 155 20.83 14.46 15.76
N CYS A 156 20.18 14.37 16.91
CA CYS A 156 19.44 13.17 17.26
C CYS A 156 18.37 12.83 16.20
N GLU A 157 17.67 13.85 15.72
CA GLU A 157 16.68 13.62 14.67
C GLU A 157 17.35 13.18 13.37
N ASP A 158 18.45 13.81 12.98
CA ASP A 158 19.09 13.52 11.67
C ASP A 158 19.82 12.19 11.67
N SER A 159 20.52 11.88 12.78
CA SER A 159 21.46 10.77 12.82
C SER A 159 21.29 9.74 13.97
N ALA A 160 20.06 9.45 14.39
CA ALA A 160 19.87 8.52 15.51
C ALA A 160 20.52 7.19 15.26
N GLU A 161 20.34 6.64 14.06
CA GLU A 161 20.79 5.28 13.75
C GLU A 161 22.33 5.14 13.79
N ILE A 162 23.03 6.23 13.52
CA ILE A 162 24.51 6.29 13.61
C ILE A 162 24.95 6.29 15.09
N LEU A 163 24.28 7.10 15.89
CA LEU A 163 24.62 7.20 17.30
C LEU A 163 24.48 5.87 18.06
N ASP A 164 23.46 5.11 17.68
CA ASP A 164 23.16 3.85 18.30
C ASP A 164 23.88 2.80 17.47
N SER A 165 25.20 2.91 17.49
CA SER A 165 26.04 2.17 16.57
C SER A 165 27.44 2.02 17.13
N ASP A 166 28.21 1.09 16.53
CA ASP A 166 29.63 0.89 16.84
C ASP A 166 30.51 2.05 16.35
N VAL A 167 30.07 2.74 15.30
CA VAL A 167 30.77 3.91 14.72
C VAL A 167 31.35 4.94 15.69
N LEU A 168 30.68 5.24 16.80
CA LEU A 168 31.14 6.30 17.73
C LEU A 168 31.38 5.86 19.16
N ASP A 169 31.65 4.57 19.32
CA ASP A 169 31.86 4.00 20.65
C ASP A 169 30.60 4.09 21.56
N ARG A 170 29.43 4.23 20.95
CA ARG A 170 28.12 4.03 21.62
C ARG A 170 27.82 5.07 22.70
N PRO A 171 27.77 6.35 22.31
CA PRO A 171 27.65 7.45 23.27
C PRO A 171 26.29 7.62 23.94
N LEU A 172 25.27 6.91 23.47
CA LEU A 172 23.93 7.07 24.05
C LEU A 172 23.88 6.57 25.49
N ASN A 173 24.80 5.67 25.82
CA ASN A 173 24.95 5.18 27.17
C ASN A 173 25.25 6.24 28.23
N ILE A 174 25.94 7.33 27.89
CA ILE A 174 25.94 8.51 28.79
C ILE A 174 24.89 9.55 28.39
N MET A 175 24.67 9.74 27.10
CA MET A 175 23.84 10.87 26.64
C MET A 175 22.40 10.77 27.12
N ILE A 176 21.84 9.58 27.01
CA ILE A 176 20.44 9.38 27.37
C ILE A 176 20.24 9.71 28.84
N PRO A 177 21.05 9.13 29.72
CA PRO A 177 20.83 9.51 31.11
C PRO A 177 21.09 11.00 31.43
N LYS A 178 21.97 11.65 30.67
CA LYS A 178 22.20 13.08 30.84
C LYS A 178 20.95 13.85 30.43
N PHE A 179 20.37 13.46 29.31
CA PHE A 179 19.17 14.08 28.83
C PHE A 179 18.06 13.99 29.86
N LEU A 180 17.92 12.85 30.52
CA LEU A 180 16.82 12.70 31.50
C LEU A 180 16.97 13.65 32.66
N GLN A 181 18.21 13.94 33.04
CA GLN A 181 18.43 14.90 34.11
C GLN A 181 17.79 16.22 33.73
N PHE A 182 17.78 16.55 32.44
CA PHE A 182 17.22 17.82 31.97
C PHE A 182 15.71 17.93 31.81
N PHE A 183 14.98 16.88 32.15
CA PHE A 183 13.52 16.98 32.19
C PHE A 183 13.04 17.84 33.36
N LYS A 184 13.94 18.16 34.29
CA LYS A 184 13.58 18.90 35.50
C LYS A 184 14.15 20.31 35.53
N HIS A 185 14.57 20.79 34.37
CA HIS A 185 15.14 22.12 34.23
C HIS A 185 13.99 23.08 34.35
N SER A 186 14.28 24.34 34.63
CA SER A 186 13.25 25.36 34.82
C SER A 186 12.78 26.01 33.50
N SER A 187 13.51 25.81 32.41
CA SER A 187 13.12 26.32 31.11
C SER A 187 12.36 25.28 30.34
N PRO A 188 11.15 25.61 29.93
CA PRO A 188 10.43 24.70 29.07
C PRO A 188 11.16 24.48 27.75
N LYS A 189 11.83 25.49 27.21
CA LYS A 189 12.56 25.28 25.96
C LYS A 189 13.50 24.09 26.07
N ILE A 190 14.13 23.96 27.23
CA ILE A 190 15.18 22.97 27.42
C ILE A 190 14.60 21.61 27.77
N ARG A 191 13.57 21.60 28.62
CA ARG A 191 12.77 20.39 28.85
C ARG A 191 12.31 19.79 27.53
N SER A 192 11.87 20.65 26.62
CA SER A 192 11.35 20.17 25.37
C SER A 192 12.47 19.50 24.57
N HIS A 193 13.58 20.19 24.40
CA HIS A 193 14.72 19.57 23.72
C HIS A 193 15.11 18.22 24.35
N ALA A 194 15.04 18.16 25.67
CA ALA A 194 15.48 16.99 26.38
C ALA A 194 14.63 15.78 26.02
N VAL A 195 13.32 15.96 25.92
CA VAL A 195 12.38 14.91 25.62
C VAL A 195 12.41 14.58 24.14
N ALA A 196 12.54 15.61 23.31
CA ALA A 196 12.61 15.39 21.88
C ALA A 196 13.80 14.50 21.51
N CYS A 197 14.94 14.78 22.13
CA CYS A 197 16.15 13.96 21.98
C CYS A 197 15.94 12.52 22.37
N VAL A 198 15.45 12.28 23.56
CA VAL A 198 15.23 10.92 24.02
C VAL A 198 14.21 10.17 23.15
N ASN A 199 13.22 10.86 22.61
CA ASN A 199 12.19 10.17 21.80
C ASN A 199 12.78 9.55 20.56
N GLN A 200 13.82 10.17 19.99
CA GLN A 200 14.51 9.59 18.82
C GLN A 200 15.05 8.16 18.94
N PHE A 201 14.98 7.54 20.10
CA PHE A 201 15.60 6.26 20.34
C PHE A 201 14.69 5.23 20.99
N ILE A 202 13.39 5.47 20.93
CA ILE A 202 12.39 4.56 21.48
C ILE A 202 12.09 3.44 20.50
N ILE A 203 11.66 3.78 19.28
CA ILE A 203 11.31 2.77 18.28
C ILE A 203 12.47 1.84 17.99
N SER A 204 13.67 2.40 17.92
CA SER A 204 14.91 1.63 17.74
C SER A 204 15.33 0.82 18.95
N ARG A 205 14.47 0.68 19.94
CA ARG A 205 14.80 -0.01 21.20
C ARG A 205 16.25 0.14 21.66
N THR A 206 16.76 1.36 21.62
CA THR A 206 18.13 1.63 22.02
C THR A 206 18.40 1.14 23.44
N GLN A 207 19.43 0.33 23.59
CA GLN A 207 19.65 -0.34 24.86
C GLN A 207 19.85 0.66 26.01
N ALA A 208 20.68 1.68 25.81
CA ALA A 208 20.79 2.72 26.85
C ALA A 208 19.43 3.18 27.38
N LEU A 209 18.46 3.34 26.48
CA LEU A 209 17.16 3.85 26.87
C LEU A 209 16.34 2.79 27.56
N MET A 210 16.43 1.56 27.08
CA MET A 210 15.68 0.44 27.68
C MET A 210 16.12 0.18 29.12
N LEU A 211 17.42 0.32 29.34
CA LEU A 211 17.97 0.16 30.68
C LEU A 211 17.34 1.21 31.62
N HIS A 212 17.17 2.40 31.08
CA HIS A 212 16.66 3.51 31.83
C HIS A 212 15.17 3.68 31.70
N ILE A 213 14.49 2.67 31.18
CA ILE A 213 13.09 2.85 30.82
C ILE A 213 12.14 3.24 31.96
N ASP A 214 12.31 2.66 33.14
CA ASP A 214 11.42 3.03 34.24
C ASP A 214 11.72 4.44 34.78
N SER A 215 12.95 4.91 34.58
CA SER A 215 13.31 6.28 34.90
C SER A 215 12.77 7.29 33.84
N PHE A 216 12.70 6.87 32.58
CA PHE A 216 12.07 7.66 31.51
C PHE A 216 10.58 7.85 31.79
N ILE A 217 9.91 6.76 32.05
CA ILE A 217 8.50 6.79 32.40
C ILE A 217 8.21 7.66 33.63
N GLU A 218 8.85 7.41 34.77
CA GLU A 218 8.72 8.31 35.95
C GLU A 218 8.93 9.80 35.57
N ASN A 219 9.92 10.06 34.71
CA ASN A 219 10.25 11.42 34.39
C ASN A 219 9.23 12.03 33.44
N LEU A 220 8.71 11.25 32.51
CA LEU A 220 7.64 11.74 31.65
C LEU A 220 6.45 12.06 32.51
N PHE A 221 6.23 11.29 33.54
CA PHE A 221 5.02 11.49 34.34
C PHE A 221 5.06 12.79 35.07
N ALA A 222 6.27 13.23 35.39
CA ALA A 222 6.46 14.47 36.12
C ALA A 222 6.26 15.68 35.27
N LEU A 223 6.20 15.51 33.94
CA LEU A 223 5.84 16.58 33.00
C LEU A 223 4.35 16.53 32.65
N ALA A 224 3.57 15.75 33.38
CA ALA A 224 2.13 15.67 33.17
C ALA A 224 1.46 17.04 33.36
N GLY A 225 1.91 17.77 34.38
CA GLY A 225 1.34 19.06 34.71
C GLY A 225 1.70 20.15 33.74
N ASP A 226 2.81 19.95 33.03
CA ASP A 226 3.42 21.02 32.26
C ASP A 226 2.42 21.67 31.37
N GLU A 227 2.43 23.00 31.34
CA GLU A 227 1.44 23.73 30.59
C GLU A 227 2.08 24.49 29.46
N GLU A 228 3.16 23.94 28.89
CA GLU A 228 3.72 24.47 27.64
C GLU A 228 3.49 23.51 26.47
N PRO A 229 3.02 24.04 25.34
CA PRO A 229 2.60 23.14 24.27
C PRO A 229 3.66 22.22 23.71
N GLU A 230 4.88 22.70 23.51
CA GLU A 230 5.90 21.85 22.88
C GLU A 230 6.34 20.70 23.82
N VAL A 231 6.19 20.87 25.12
CA VAL A 231 6.48 19.79 26.03
C VAL A 231 5.34 18.77 26.03
N ARG A 232 4.12 19.28 26.06
CA ARG A 232 2.98 18.39 25.94
C ARG A 232 3.12 17.57 24.69
N LYS A 233 3.48 18.23 23.60
CA LYS A 233 3.59 17.57 22.30
C LYS A 233 4.52 16.38 22.39
N ASN A 234 5.68 16.58 23.01
CA ASN A 234 6.68 15.53 23.07
C ASN A 234 6.45 14.44 24.11
N VAL A 235 5.75 14.77 25.20
CA VAL A 235 5.35 13.74 26.15
C VAL A 235 4.36 12.80 25.47
N CYS A 236 3.48 13.38 24.65
CA CYS A 236 2.45 12.60 23.96
C CYS A 236 3.13 11.73 22.96
N ARG A 237 4.03 12.32 22.18
CA ARG A 237 4.78 11.54 21.20
C ARG A 237 5.44 10.35 21.86
N ALA A 238 5.98 10.58 23.05
CA ALA A 238 6.81 9.61 23.74
C ALA A 238 5.96 8.45 24.16
N LEU A 239 4.88 8.77 24.84
CA LEU A 239 3.94 7.77 25.28
C LEU A 239 3.43 6.95 24.12
N VAL A 240 3.21 7.58 22.96
CA VAL A 240 2.70 6.83 21.82
C VAL A 240 3.71 5.84 21.31
N MET A 241 4.93 6.30 21.08
CA MET A 241 6.02 5.37 20.78
C MET A 241 6.23 4.26 21.83
N LEU A 242 6.11 4.54 23.13
CA LEU A 242 6.30 3.51 24.14
C LEU A 242 5.25 2.42 24.02
N LEU A 243 4.04 2.82 23.73
CA LEU A 243 2.97 1.86 23.62
C LEU A 243 3.31 0.84 22.57
N GLU A 244 4.01 1.34 21.56
CA GLU A 244 4.34 0.56 20.36
C GLU A 244 5.42 -0.45 20.65
N VAL A 245 6.41 -0.10 21.48
CA VAL A 245 7.54 -1.00 21.74
C VAL A 245 7.66 -1.62 23.13
N ARG A 246 7.18 -0.95 24.18
CA ARG A 246 7.30 -1.49 25.53
C ARG A 246 6.03 -1.32 26.33
N MET A 247 4.93 -1.82 25.78
CA MET A 247 3.66 -1.81 26.49
C MET A 247 3.74 -2.46 27.88
N ASP A 248 4.57 -3.51 28.00
CA ASP A 248 4.76 -4.20 29.27
C ASP A 248 5.04 -3.25 30.42
N ARG A 249 5.93 -2.27 30.20
CA ARG A 249 6.28 -1.31 31.24
C ARG A 249 5.25 -0.21 31.47
N LEU A 250 4.38 0.06 30.50
CA LEU A 250 3.34 1.08 30.67
C LEU A 250 2.18 0.57 31.47
N LEU A 251 1.86 -0.71 31.30
CA LEU A 251 0.72 -1.35 31.94
C LEU A 251 0.46 -1.01 33.40
N PRO A 252 1.49 -1.05 34.25
CA PRO A 252 1.28 -0.60 35.62
C PRO A 252 0.58 0.74 35.70
N HIS A 253 0.95 1.66 34.80
CA HIS A 253 0.45 3.02 34.86
C HIS A 253 -0.66 3.32 33.85
N MET A 254 -1.18 2.28 33.19
CA MET A 254 -1.97 2.48 32.01
C MET A 254 -3.15 3.38 32.23
N HIS A 255 -3.81 3.20 33.36
CA HIS A 255 -4.93 4.04 33.72
C HIS A 255 -4.57 5.51 33.77
N ASN A 256 -3.42 5.85 34.34
CA ASN A 256 -3.04 7.26 34.47
C ASN A 256 -2.65 7.85 33.16
N ILE A 257 -2.09 7.03 32.28
CA ILE A 257 -1.69 7.45 30.94
C ILE A 257 -2.93 7.76 30.09
N VAL A 258 -3.83 6.78 30.03
CA VAL A 258 -5.10 6.93 29.33
C VAL A 258 -5.83 8.18 29.81
N GLU A 259 -5.94 8.38 31.13
CA GLU A 259 -6.50 9.61 31.63
C GLU A 259 -5.78 10.82 31.02
N TYR A 260 -4.47 10.81 31.04
CA TYR A 260 -3.71 11.96 30.56
C TYR A 260 -3.92 12.21 29.07
N MET A 261 -3.90 11.13 28.29
CA MET A 261 -3.90 11.24 26.84
C MET A 261 -5.26 11.64 26.35
N LEU A 262 -6.27 11.36 27.16
CA LEU A 262 -7.61 11.81 26.87
C LEU A 262 -7.74 13.31 27.07
N GLN A 263 -7.08 13.84 28.07
CA GLN A 263 -7.02 15.27 28.25
C GLN A 263 -6.37 15.93 27.07
N ARG A 264 -5.28 15.36 26.62
CA ARG A 264 -4.47 16.01 25.59
C ARG A 264 -5.12 15.87 24.25
N THR A 265 -5.92 14.83 24.05
CA THR A 265 -6.66 14.71 22.79
C THR A 265 -7.64 15.88 22.67
N GLN A 266 -8.19 16.30 23.80
CA GLN A 266 -9.02 17.52 23.86
C GLN A 266 -8.19 18.81 23.93
N ASP A 267 -6.88 18.73 23.73
CA ASP A 267 -6.07 19.89 23.99
C ASP A 267 -6.53 21.03 23.10
N GLN A 268 -6.39 22.20 23.67
CA GLN A 268 -6.54 23.47 22.97
C GLN A 268 -5.72 23.58 21.65
N ASP A 269 -4.47 23.11 21.69
CA ASP A 269 -3.55 23.19 20.56
C ASP A 269 -3.74 22.00 19.61
N GLU A 270 -4.10 22.27 18.37
CA GLU A 270 -4.41 21.17 17.44
C GLU A 270 -3.20 20.26 17.22
N ASN A 271 -1.98 20.79 17.36
CA ASN A 271 -0.77 20.00 17.13
C ASN A 271 -0.48 19.03 18.25
N VAL A 272 -0.78 19.42 19.47
CA VAL A 272 -0.67 18.53 20.59
C VAL A 272 -1.73 17.46 20.50
N ALA A 273 -2.95 17.89 20.15
CA ALA A 273 -4.08 16.97 20.18
C ALA A 273 -3.88 15.91 19.13
N LEU A 274 -3.24 16.29 18.04
CA LEU A 274 -2.98 15.34 17.00
C LEU A 274 -2.03 14.27 17.52
N GLU A 275 -1.02 14.66 18.30
CA GLU A 275 -0.07 13.68 18.82
C GLU A 275 -0.73 12.79 19.84
N ALA A 276 -1.65 13.32 20.65
CA ALA A 276 -2.37 12.49 21.62
C ALA A 276 -3.30 11.53 20.95
N CYS A 277 -4.00 12.00 19.95
CA CYS A 277 -4.97 11.20 19.31
C CYS A 277 -4.32 9.99 18.67
N GLU A 278 -3.07 10.12 18.25
CA GLU A 278 -2.34 8.96 17.70
C GLU A 278 -2.30 7.75 18.67
N PHE A 279 -2.32 8.05 19.96
CA PHE A 279 -2.32 7.03 20.96
C PHE A 279 -3.50 6.09 20.77
N TRP A 280 -4.68 6.62 20.48
CA TRP A 280 -5.88 5.76 20.35
C TRP A 280 -5.79 4.88 19.12
N LEU A 281 -5.13 5.38 18.10
CA LEU A 281 -4.96 4.61 16.87
C LEU A 281 -3.97 3.47 17.10
N THR A 282 -2.87 3.74 17.77
CA THR A 282 -1.96 2.65 18.15
C THR A 282 -2.67 1.70 19.12
N LEU A 283 -3.29 2.23 20.16
CA LEU A 283 -3.84 1.36 21.18
C LEU A 283 -4.87 0.39 20.59
N ALA A 284 -5.61 0.85 19.60
CA ALA A 284 -6.64 0.03 18.98
C ALA A 284 -6.08 -1.19 18.28
N GLU A 285 -4.79 -1.15 17.92
CA GLU A 285 -4.15 -2.28 17.24
C GLU A 285 -3.74 -3.37 18.21
N GLN A 286 -3.81 -3.10 19.50
CA GLN A 286 -3.25 -4.00 20.48
C GLN A 286 -4.38 -4.82 21.05
N PRO A 287 -4.11 -6.06 21.48
CA PRO A 287 -5.19 -6.96 21.79
C PRO A 287 -5.78 -6.74 23.18
N ILE A 288 -5.21 -5.84 23.97
CA ILE A 288 -5.81 -5.48 25.26
C ILE A 288 -6.51 -4.11 25.24
N CYS A 289 -6.90 -3.66 24.05
CA CYS A 289 -7.54 -2.38 23.90
C CYS A 289 -8.79 -2.31 24.77
N LYS A 290 -9.69 -3.27 24.59
CA LYS A 290 -10.93 -3.34 25.39
C LYS A 290 -10.68 -3.23 26.90
N ASP A 291 -9.79 -4.06 27.44
CA ASP A 291 -9.46 -4.00 28.87
C ASP A 291 -8.94 -2.63 29.27
N VAL A 292 -7.97 -2.13 28.54
CA VAL A 292 -7.37 -0.82 28.87
C VAL A 292 -8.39 0.32 28.82
N LEU A 293 -9.33 0.24 27.90
CA LEU A 293 -10.24 1.35 27.71
C LEU A 293 -11.51 1.35 28.59
N VAL A 294 -11.86 0.22 29.17
CA VAL A 294 -13.15 0.09 29.87
C VAL A 294 -13.64 1.33 30.66
N ARG A 295 -12.77 2.05 31.33
CA ARG A 295 -13.21 3.14 32.19
C ARG A 295 -13.23 4.49 31.52
N HIS A 296 -12.81 4.55 30.27
CA HIS A 296 -12.73 5.81 29.52
C HIS A 296 -13.46 5.82 28.17
N LEU A 297 -13.75 4.64 27.63
CA LEU A 297 -14.38 4.55 26.36
C LEU A 297 -15.52 5.54 26.25
N PRO A 298 -16.37 5.65 27.28
CA PRO A 298 -17.54 6.49 27.07
C PRO A 298 -17.25 7.90 26.65
N LYS A 299 -16.16 8.47 27.18
CA LYS A 299 -15.80 9.86 26.89
C LYS A 299 -14.96 9.97 25.62
N LEU A 300 -14.20 8.93 25.31
CA LEU A 300 -13.34 8.97 24.14
C LEU A 300 -14.12 9.11 22.83
N ILE A 301 -15.21 8.35 22.69
CA ILE A 301 -15.96 8.44 21.45
C ILE A 301 -16.45 9.89 21.15
N PRO A 302 -17.04 10.57 22.12
CA PRO A 302 -17.39 11.96 21.79
C PRO A 302 -16.20 12.85 21.50
N VAL A 303 -15.09 12.60 22.17
CA VAL A 303 -13.90 13.40 21.97
C VAL A 303 -13.40 13.20 20.55
N LEU A 304 -13.35 11.95 20.11
CA LEU A 304 -12.94 11.63 18.74
C LEU A 304 -13.87 12.28 17.72
N VAL A 305 -15.15 12.11 17.95
CA VAL A 305 -16.13 12.58 17.03
C VAL A 305 -16.00 14.07 16.89
N ASN A 306 -15.67 14.73 17.98
CA ASN A 306 -15.64 16.18 17.93
C ASN A 306 -14.40 16.65 17.23
N GLY A 307 -13.39 15.80 17.22
CA GLY A 307 -12.17 16.13 16.55
C GLY A 307 -12.25 15.95 15.07
N MET A 308 -13.39 15.41 14.60
CA MET A 308 -13.55 15.04 13.20
C MET A 308 -14.11 16.19 12.38
N LYS A 309 -14.62 17.23 13.05
CA LYS A 309 -15.00 18.48 12.39
C LYS A 309 -13.84 19.09 11.64
N TYR A 310 -14.09 19.58 10.42
CA TYR A 310 -13.06 20.33 9.68
C TYR A 310 -12.55 21.52 10.51
N SER A 311 -11.23 21.70 10.56
CA SER A 311 -10.64 22.98 10.99
C SER A 311 -10.92 24.00 9.92
N ASP A 312 -10.70 25.27 10.23
CA ASP A 312 -10.95 26.33 9.26
C ASP A 312 -9.93 26.32 8.13
N ILE A 313 -8.69 26.06 8.46
CA ILE A 313 -7.65 26.00 7.45
C ILE A 313 -7.83 24.82 6.45
N ASP A 314 -8.16 23.62 6.92
CA ASP A 314 -8.73 22.53 6.07
C ASP A 314 -9.75 22.98 5.00
N ILE A 315 -10.77 23.68 5.43
CA ILE A 315 -11.81 24.09 4.50
C ILE A 315 -11.31 24.92 3.30
N ILE A 316 -10.38 25.84 3.55
CA ILE A 316 -10.01 26.83 2.54
C ILE A 316 -9.07 26.17 1.54
N LEU A 317 -8.17 25.36 2.07
CA LEU A 317 -7.33 24.49 1.26
C LEU A 317 -8.15 23.66 0.29
N LEU A 318 -9.24 23.06 0.78
CA LEU A 318 -10.06 22.16 -0.03
C LEU A 318 -11.03 22.87 -1.00
N LYS A 319 -11.01 24.20 -1.04
CA LYS A 319 -11.82 24.97 -2.01
C LYS A 319 -11.05 26.14 -2.60
N ILE A 334 -5.57 18.24 -1.92
CA ILE A 334 -4.33 17.86 -1.23
C ILE A 334 -4.03 18.77 -0.01
N SER A 335 -4.68 18.41 1.09
CA SER A 335 -4.25 18.73 2.46
C SER A 335 -3.46 17.49 2.88
N ASP A 336 -3.11 17.38 4.17
CA ASP A 336 -2.60 16.09 4.67
C ASP A 336 -2.73 15.91 6.21
N TRP A 337 -2.28 14.74 6.67
CA TRP A 337 -2.56 14.19 8.02
C TRP A 337 -2.74 15.14 9.23
N ASN A 338 -3.86 14.99 9.93
CA ASN A 338 -4.29 15.97 10.90
C ASN A 338 -5.29 15.42 11.86
N LEU A 339 -5.74 16.25 12.78
CA LEU A 339 -6.57 15.78 13.85
C LEU A 339 -7.84 15.15 13.34
N ARG A 340 -8.45 15.72 12.29
CA ARG A 340 -9.66 15.11 11.72
C ARG A 340 -9.34 13.72 11.22
N LYS A 341 -8.29 13.62 10.42
CA LYS A 341 -8.00 12.37 9.77
C LYS A 341 -7.66 11.33 10.80
N CYS A 342 -6.83 11.74 11.75
CA CYS A 342 -6.41 10.84 12.80
C CYS A 342 -7.59 10.38 13.65
N SER A 343 -8.51 11.30 13.93
CA SER A 343 -9.67 10.98 14.75
C SER A 343 -10.55 9.99 14.02
N ALA A 344 -10.77 10.23 12.74
CA ALA A 344 -11.61 9.37 11.92
C ALA A 344 -11.01 7.97 11.79
N ALA A 345 -9.70 7.92 11.59
CA ALA A 345 -8.98 6.68 11.52
C ALA A 345 -9.16 5.94 12.83
N ALA A 346 -9.02 6.66 13.94
CA ALA A 346 -9.21 6.02 15.23
C ALA A 346 -10.59 5.42 15.35
N LEU A 347 -11.59 6.17 14.93
CA LEU A 347 -12.96 5.70 15.08
C LEU A 347 -13.21 4.48 14.22
N ASP A 348 -12.69 4.48 13.00
CA ASP A 348 -12.90 3.36 12.08
C ASP A 348 -12.33 2.08 12.69
N VAL A 349 -11.10 2.16 13.20
CA VAL A 349 -10.46 1.02 13.84
C VAL A 349 -11.20 0.57 15.12
N LEU A 350 -11.57 1.51 15.96
CA LEU A 350 -12.31 1.16 17.15
C LEU A 350 -13.60 0.44 16.76
N ALA A 351 -14.23 0.86 15.67
CA ALA A 351 -15.49 0.23 15.31
C ALA A 351 -15.27 -1.22 14.89
N ASN A 352 -14.17 -1.52 14.23
CA ASN A 352 -13.77 -2.90 13.96
C ASN A 352 -13.41 -3.68 15.22
N VAL A 353 -12.94 -3.00 16.24
CA VAL A 353 -12.69 -3.67 17.49
C VAL A 353 -14.00 -3.95 18.21
N TYR A 354 -14.73 -2.91 18.57
CA TYR A 354 -15.96 -3.09 19.34
C TYR A 354 -17.18 -3.55 18.54
N ARG A 355 -17.16 -3.42 17.23
CA ARG A 355 -18.28 -3.77 16.41
C ARG A 355 -19.53 -3.21 17.00
N ASP A 356 -20.60 -3.98 17.12
CA ASP A 356 -21.89 -3.39 17.48
C ASP A 356 -21.96 -2.77 18.88
N GLU A 357 -21.00 -3.07 19.75
CA GLU A 357 -21.01 -2.51 21.08
C GLU A 357 -20.79 -1.01 21.01
N LEU A 358 -20.26 -0.54 19.89
CA LEU A 358 -19.99 0.88 19.72
C LEU A 358 -21.21 1.69 19.37
N LEU A 359 -22.20 1.05 18.77
CA LEU A 359 -23.30 1.79 18.19
C LEU A 359 -24.05 2.64 19.18
N PRO A 360 -24.27 2.11 20.39
CA PRO A 360 -25.05 2.89 21.34
C PRO A 360 -24.32 4.12 21.80
N HIS A 361 -23.00 4.14 21.69
CA HIS A 361 -22.21 5.34 21.95
C HIS A 361 -22.33 6.37 20.86
N ILE A 362 -22.52 5.89 19.63
CA ILE A 362 -22.53 6.74 18.43
C ILE A 362 -23.89 7.30 18.11
N LEU A 363 -24.93 6.50 18.27
CA LEU A 363 -26.26 6.93 17.86
C LEU A 363 -26.69 8.25 18.47
N PRO A 364 -26.42 8.47 19.76
CA PRO A 364 -26.78 9.77 20.30
C PRO A 364 -26.07 10.94 19.59
N LEU A 365 -24.80 10.77 19.25
CA LEU A 365 -24.06 11.79 18.52
C LEU A 365 -24.50 11.97 17.09
N LEU A 366 -24.69 10.90 16.34
CA LEU A 366 -25.19 11.01 14.96
C LEU A 366 -26.53 11.69 14.96
N LYS A 367 -27.36 11.41 15.97
CA LYS A 367 -28.69 11.95 15.97
C LYS A 367 -28.64 13.47 15.94
N GLU A 368 -27.65 14.05 16.56
CA GLU A 368 -27.60 15.50 16.62
C GLU A 368 -26.64 16.15 15.62
N LEU A 369 -25.90 15.36 14.85
CA LEU A 369 -25.00 15.91 13.85
C LEU A 369 -25.62 15.85 12.46
N LEU A 370 -26.26 14.75 12.10
CA LEU A 370 -26.74 14.57 10.75
C LEU A 370 -27.74 15.59 10.31
N PHE A 371 -28.54 16.09 11.25
CA PHE A 371 -29.72 16.87 10.92
C PHE A 371 -29.54 18.31 11.38
N HIS A 372 -28.37 18.84 11.10
CA HIS A 372 -27.89 20.04 11.76
C HIS A 372 -27.70 21.16 10.74
N HIS A 373 -27.91 22.39 11.18
CA HIS A 373 -28.11 23.51 10.23
C HIS A 373 -26.77 24.03 9.74
N GLU A 374 -25.78 24.02 10.62
CA GLU A 374 -24.41 24.32 10.24
C GLU A 374 -23.74 23.17 9.50
N TRP A 375 -23.40 23.39 8.24
CA TRP A 375 -22.87 22.33 7.38
C TRP A 375 -21.59 21.65 7.94
N VAL A 376 -20.71 22.41 8.56
CA VAL A 376 -19.50 21.83 9.15
C VAL A 376 -19.77 20.70 10.16
N VAL A 377 -20.83 20.86 10.93
CA VAL A 377 -21.31 19.88 11.91
C VAL A 377 -21.94 18.70 11.18
N LYS A 378 -22.78 18.99 10.21
CA LYS A 378 -23.43 17.92 9.48
C LYS A 378 -22.39 17.10 8.75
N GLU A 379 -21.40 17.78 8.18
CA GLU A 379 -20.43 17.12 7.34
C GLU A 379 -19.67 16.09 8.20
N SER A 380 -19.32 16.50 9.40
CA SER A 380 -18.62 15.63 10.30
C SER A 380 -19.48 14.43 10.65
N GLY A 381 -20.78 14.62 10.78
CA GLY A 381 -21.67 13.50 11.12
C GLY A 381 -21.76 12.44 10.02
N ILE A 382 -21.75 12.92 8.78
CA ILE A 382 -21.73 12.01 7.65
C ILE A 382 -20.39 11.24 7.62
N LEU A 383 -19.30 11.91 8.01
CA LEU A 383 -18.01 11.25 8.09
C LEU A 383 -18.03 10.13 9.12
N VAL A 384 -18.62 10.42 10.28
CA VAL A 384 -18.72 9.43 11.32
C VAL A 384 -19.46 8.23 10.77
N LEU A 385 -20.53 8.50 10.04
CA LEU A 385 -21.39 7.44 9.53
C LEU A 385 -20.63 6.54 8.56
N GLY A 386 -19.77 7.15 7.76
CA GLY A 386 -18.92 6.36 6.89
C GLY A 386 -17.83 5.66 7.69
N ALA A 387 -17.26 6.34 8.68
CA ALA A 387 -16.10 5.82 9.40
C ALA A 387 -16.40 4.53 10.12
N ILE A 388 -17.59 4.46 10.70
CA ILE A 388 -18.00 3.28 11.40
C ILE A 388 -18.69 2.21 10.55
N ALA A 389 -18.73 2.35 9.23
CA ALA A 389 -19.59 1.47 8.43
C ALA A 389 -19.12 0.00 8.43
N GLU A 390 -17.88 -0.20 8.07
CA GLU A 390 -17.26 -1.52 8.14
C GLU A 390 -17.50 -2.20 9.49
N GLY A 391 -17.13 -1.52 10.57
CA GLY A 391 -17.11 -2.11 11.91
C GLY A 391 -18.47 -2.39 12.45
N CYS A 392 -19.38 -1.44 12.21
CA CYS A 392 -20.72 -1.50 12.79
C CYS A 392 -21.86 -1.89 11.82
N MET A 393 -21.53 -2.44 10.66
CA MET A 393 -22.57 -2.78 9.69
C MET A 393 -23.83 -3.41 10.22
N GLN A 394 -23.72 -4.54 10.95
CA GLN A 394 -24.95 -5.24 11.32
C GLN A 394 -25.82 -4.29 12.12
N GLY A 395 -25.22 -3.59 13.04
CA GLY A 395 -25.98 -2.70 13.87
C GLY A 395 -26.62 -1.59 13.08
N MET A 396 -25.99 -1.22 11.98
CA MET A 396 -26.44 -0.09 11.18
C MET A 396 -27.61 -0.42 10.26
N ILE A 397 -27.74 -1.68 9.82
CA ILE A 397 -28.83 -2.13 8.90
C ILE A 397 -30.23 -1.55 9.23
N PRO A 398 -30.64 -1.64 10.49
CA PRO A 398 -31.99 -1.15 10.70
C PRO A 398 -32.20 0.33 10.40
N TYR A 399 -31.16 1.13 10.30
CA TYR A 399 -31.33 2.57 10.11
C TYR A 399 -31.08 2.98 8.67
N LEU A 400 -30.66 2.04 7.84
CA LEU A 400 -30.25 2.36 6.48
C LEU A 400 -31.39 2.77 5.58
N PRO A 401 -32.55 2.10 5.72
CA PRO A 401 -33.76 2.51 5.00
C PRO A 401 -34.12 3.96 5.15
N GLU A 402 -33.76 4.61 6.25
CA GLU A 402 -33.96 6.05 6.41
C GLU A 402 -32.73 6.90 6.16
N LEU A 403 -31.55 6.42 6.53
CA LEU A 403 -30.34 7.20 6.29
C LEU A 403 -29.98 7.24 4.81
N ILE A 404 -30.24 6.17 4.10
CA ILE A 404 -29.78 6.12 2.74
C ILE A 404 -30.49 7.15 1.85
N PRO A 405 -31.82 7.20 1.92
CA PRO A 405 -32.40 8.23 1.09
C PRO A 405 -31.98 9.61 1.58
N HIS A 406 -31.84 9.76 2.88
CA HIS A 406 -31.36 11.02 3.38
C HIS A 406 -30.00 11.37 2.80
N LEU A 407 -29.09 10.39 2.79
CA LEU A 407 -27.79 10.63 2.21
C LEU A 407 -27.88 11.01 0.74
N ILE A 408 -28.73 10.32 -0.01
CA ILE A 408 -28.93 10.65 -1.40
C ILE A 408 -29.41 12.10 -1.60
N GLN A 409 -30.29 12.58 -0.73
CA GLN A 409 -30.63 14.02 -0.76
C GLN A 409 -29.41 14.92 -0.59
N CYS A 410 -28.58 14.58 0.38
CA CYS A 410 -27.42 15.39 0.65
C CYS A 410 -26.47 15.40 -0.52
N LEU A 411 -26.59 14.44 -1.44
CA LEU A 411 -25.77 14.50 -2.63
C LEU A 411 -25.94 15.80 -3.40
N SER A 412 -27.12 16.42 -3.36
CA SER A 412 -27.29 17.71 -4.06
C SER A 412 -27.34 18.93 -3.09
N ASP A 413 -26.62 18.84 -1.99
CA ASP A 413 -26.55 19.90 -1.00
C ASP A 413 -25.74 21.03 -1.56
N LYS A 414 -25.97 22.23 -1.05
CA LYS A 414 -25.33 23.43 -1.60
C LYS A 414 -23.84 23.41 -1.43
N LYS A 415 -23.38 23.01 -0.25
CA LYS A 415 -21.94 23.00 0.07
C LYS A 415 -21.22 21.81 -0.58
N ALA A 416 -20.13 22.09 -1.28
CA ALA A 416 -19.39 21.04 -1.97
C ALA A 416 -18.87 19.96 -1.03
N LEU A 417 -18.25 20.38 0.08
CA LEU A 417 -17.66 19.42 0.99
C LEU A 417 -18.71 18.53 1.64
N VAL A 418 -19.95 18.96 1.69
CA VAL A 418 -20.98 18.04 2.14
C VAL A 418 -21.28 17.03 1.04
N ARG A 419 -21.24 17.50 -0.20
CA ARG A 419 -21.47 16.60 -1.32
C ARG A 419 -20.44 15.51 -1.41
N SER A 420 -19.17 15.87 -1.27
CA SER A 420 -18.11 14.88 -1.42
C SER A 420 -18.13 13.83 -0.31
N ILE A 421 -18.32 14.24 0.93
CA ILE A 421 -18.30 13.25 2.00
C ILE A 421 -19.49 12.33 1.87
N THR A 422 -20.53 12.82 1.24
CA THR A 422 -21.73 12.02 1.03
C THR A 422 -21.45 10.93 0.04
N CYS A 423 -20.73 11.25 -1.02
CA CYS A 423 -20.40 10.22 -1.99
C CYS A 423 -19.71 9.07 -1.29
N TRP A 424 -18.75 9.41 -0.45
CA TRP A 424 -17.90 8.40 0.17
C TRP A 424 -18.66 7.55 1.13
N THR A 425 -19.46 8.19 1.97
CA THR A 425 -20.19 7.46 2.99
C THR A 425 -21.21 6.50 2.38
N LEU A 426 -21.92 6.98 1.35
CA LEU A 426 -22.82 6.14 0.58
C LEU A 426 -22.08 4.95 0.02
N SER A 427 -20.89 5.18 -0.53
CA SER A 427 -20.10 4.08 -1.07
C SER A 427 -19.70 3.05 -0.01
N ARG A 428 -19.61 3.49 1.24
CA ARG A 428 -19.31 2.58 2.33
C ARG A 428 -20.48 1.68 2.75
N TYR A 429 -21.66 1.90 2.16
CA TYR A 429 -22.82 1.04 2.45
C TYR A 429 -23.35 0.46 1.13
N ALA A 430 -22.46 0.39 0.15
CA ALA A 430 -22.82 -0.09 -1.16
C ALA A 430 -23.39 -1.50 -1.13
N HIS A 431 -22.73 -2.40 -0.41
CA HIS A 431 -23.16 -3.78 -0.42
C HIS A 431 -24.62 -3.96 0.07
N TRP A 432 -25.04 -3.18 1.05
CA TRP A 432 -26.41 -3.28 1.48
C TRP A 432 -27.31 -2.68 0.42
N VAL A 433 -26.92 -1.51 -0.09
CA VAL A 433 -27.72 -0.86 -1.14
C VAL A 433 -28.01 -1.83 -2.27
N VAL A 434 -27.03 -2.61 -2.64
CA VAL A 434 -27.13 -3.51 -3.76
C VAL A 434 -27.89 -4.80 -3.43
N SER A 435 -27.93 -5.20 -2.17
CA SER A 435 -28.69 -6.37 -1.77
C SER A 435 -30.18 -6.09 -1.60
N GLN A 436 -30.59 -4.83 -1.79
CA GLN A 436 -32.01 -4.48 -1.80
C GLN A 436 -32.52 -4.47 -3.23
N PRO A 437 -33.86 -4.35 -3.39
CA PRO A 437 -34.49 -4.10 -4.69
C PRO A 437 -33.87 -2.91 -5.42
N PRO A 438 -33.46 -3.09 -6.69
CA PRO A 438 -32.70 -2.07 -7.39
C PRO A 438 -33.39 -0.73 -7.62
N ASP A 439 -34.71 -0.68 -7.60
CA ASP A 439 -35.35 0.56 -7.91
C ASP A 439 -35.48 1.39 -6.66
N THR A 440 -35.42 0.73 -5.50
CA THR A 440 -35.54 1.43 -4.22
C THR A 440 -34.35 2.38 -3.92
N TYR A 441 -33.14 1.83 -3.79
CA TYR A 441 -31.93 2.62 -3.51
C TYR A 441 -30.88 2.67 -4.66
N LEU A 442 -30.58 1.52 -5.25
CA LEU A 442 -29.49 1.47 -6.23
C LEU A 442 -29.63 2.47 -7.38
N LYS A 443 -30.82 2.53 -7.97
CA LYS A 443 -31.02 3.33 -9.15
C LYS A 443 -30.90 4.81 -8.83
N PRO A 444 -31.53 5.27 -7.75
CA PRO A 444 -31.40 6.72 -7.51
C PRO A 444 -29.98 7.14 -7.14
N LEU A 445 -29.28 6.26 -6.41
CA LEU A 445 -27.91 6.49 -6.02
C LEU A 445 -26.99 6.58 -7.23
N MET A 446 -27.18 5.67 -8.17
CA MET A 446 -26.49 5.72 -9.42
C MET A 446 -26.62 7.05 -10.15
N THR A 447 -27.88 7.46 -10.27
CA THR A 447 -28.23 8.65 -10.99
C THR A 447 -27.57 9.90 -10.35
N GLU A 448 -27.70 10.00 -9.03
CA GLU A 448 -27.11 11.14 -8.33
C GLU A 448 -25.59 11.07 -8.34
N LEU A 449 -24.99 9.89 -8.23
CA LEU A 449 -23.53 9.78 -8.34
C LEU A 449 -23.04 10.14 -9.70
N LEU A 450 -23.70 9.61 -10.73
CA LEU A 450 -23.33 10.02 -12.07
C LEU A 450 -23.37 11.54 -12.26
N LYS A 451 -24.41 12.19 -11.78
CA LYS A 451 -24.47 13.63 -11.90
C LYS A 451 -23.24 14.31 -11.27
N ARG A 452 -22.81 13.78 -10.11
CA ARG A 452 -21.72 14.38 -9.34
C ARG A 452 -20.38 14.07 -9.92
N ILE A 453 -20.33 13.08 -10.80
CA ILE A 453 -19.11 12.82 -11.52
C ILE A 453 -18.72 14.06 -12.30
N LEU A 454 -19.68 14.86 -12.76
CA LEU A 454 -19.32 16.10 -13.46
C LEU A 454 -19.57 17.36 -12.67
N ASP A 455 -19.45 17.27 -11.37
CA ASP A 455 -19.64 18.42 -10.49
C ASP A 455 -18.60 19.48 -10.78
N SER A 456 -18.96 20.73 -10.56
CA SER A 456 -18.01 21.84 -10.76
C SER A 456 -16.79 21.83 -9.82
N ASN A 457 -16.92 21.17 -8.67
CA ASN A 457 -15.88 21.08 -7.67
C ASN A 457 -15.02 19.84 -7.83
N LYS A 458 -13.69 19.99 -7.75
CA LYS A 458 -12.78 18.84 -7.94
C LYS A 458 -12.89 17.77 -6.87
N ARG A 459 -13.03 18.18 -5.61
CA ARG A 459 -13.12 17.22 -4.51
C ARG A 459 -14.35 16.36 -4.73
N VAL A 460 -15.43 16.95 -5.20
CA VAL A 460 -16.65 16.23 -5.39
C VAL A 460 -16.49 15.30 -6.56
N GLN A 461 -15.79 15.76 -7.58
CA GLN A 461 -15.52 14.90 -8.75
C GLN A 461 -14.80 13.62 -8.29
N GLU A 462 -13.78 13.75 -7.43
CA GLU A 462 -12.97 12.61 -7.11
C GLU A 462 -13.76 11.73 -6.19
N ALA A 463 -14.52 12.34 -5.31
CA ALA A 463 -15.27 11.56 -4.36
C ALA A 463 -16.32 10.72 -5.08
N ALA A 464 -16.98 11.34 -6.06
CA ALA A 464 -18.05 10.71 -6.79
C ALA A 464 -17.54 9.64 -7.73
N CYS A 465 -16.49 9.94 -8.47
CA CYS A 465 -15.93 8.96 -9.38
C CYS A 465 -15.46 7.73 -8.60
N SER A 466 -14.79 7.96 -7.46
CA SER A 466 -14.35 6.85 -6.61
C SER A 466 -15.50 6.09 -6.02
N ALA A 467 -16.48 6.83 -5.52
CA ALA A 467 -17.67 6.20 -4.96
C ALA A 467 -18.38 5.34 -5.99
N PHE A 468 -18.45 5.83 -7.21
CA PHE A 468 -19.12 5.12 -8.26
C PHE A 468 -18.34 3.84 -8.59
N ALA A 469 -17.01 3.92 -8.61
CA ALA A 469 -16.18 2.71 -8.83
C ALA A 469 -16.43 1.62 -7.81
N THR A 470 -16.62 1.99 -6.55
CA THR A 470 -16.86 1.04 -5.48
C THR A 470 -18.23 0.46 -5.66
N LEU A 471 -19.16 1.32 -6.08
CA LEU A 471 -20.52 0.88 -6.35
C LEU A 471 -20.58 -0.10 -7.52
N GLU A 472 -19.79 0.17 -8.56
CA GLU A 472 -19.72 -0.71 -9.73
C GLU A 472 -19.29 -2.07 -9.31
N GLU A 473 -18.31 -2.17 -8.43
CA GLU A 473 -17.81 -3.48 -8.04
C GLU A 473 -18.92 -4.27 -7.37
N GLU A 474 -19.66 -3.64 -6.47
CA GLU A 474 -20.75 -4.35 -5.80
C GLU A 474 -21.89 -4.63 -6.74
N ALA A 475 -22.17 -3.71 -7.67
CA ALA A 475 -23.36 -3.87 -8.52
C ALA A 475 -23.25 -4.96 -9.59
N CYS A 476 -22.08 -5.14 -10.20
CA CYS A 476 -21.93 -6.11 -11.30
C CYS A 476 -23.03 -5.96 -12.36
N THR A 477 -23.73 -7.05 -12.71
CA THR A 477 -24.61 -7.05 -13.89
C THR A 477 -25.82 -6.13 -13.73
N GLU A 478 -26.04 -5.63 -12.53
CA GLU A 478 -27.12 -4.70 -12.33
C GLU A 478 -26.85 -3.38 -13.03
N LEU A 479 -25.60 -3.12 -13.41
CA LEU A 479 -25.25 -1.89 -14.12
C LEU A 479 -25.62 -1.95 -15.61
N VAL A 480 -25.87 -3.14 -16.11
CA VAL A 480 -26.00 -3.33 -17.54
C VAL A 480 -27.10 -2.48 -18.16
N PRO A 481 -28.23 -2.34 -17.48
CA PRO A 481 -29.26 -1.45 -17.99
C PRO A 481 -28.94 0.05 -17.97
N TYR A 482 -28.03 0.50 -17.12
CA TYR A 482 -27.73 1.94 -17.10
C TYR A 482 -26.40 2.20 -17.80
N LEU A 483 -26.04 1.29 -18.68
CA LEU A 483 -24.73 1.32 -19.28
C LEU A 483 -24.48 2.50 -20.23
N ALA A 484 -25.49 2.85 -21.02
CA ALA A 484 -25.35 3.97 -21.92
C ALA A 484 -25.27 5.30 -21.18
N TYR A 485 -25.99 5.40 -20.04
CA TYR A 485 -25.90 6.56 -19.15
C TYR A 485 -24.47 6.64 -18.62
N ILE A 486 -23.98 5.51 -18.12
CA ILE A 486 -22.69 5.50 -17.50
C ILE A 486 -21.61 5.95 -18.47
N LEU A 487 -21.60 5.36 -19.66
CA LEU A 487 -20.56 5.68 -20.64
C LEU A 487 -20.58 7.13 -21.13
N ASP A 488 -21.75 7.72 -21.31
CA ASP A 488 -21.78 9.07 -21.82
C ASP A 488 -21.13 10.02 -20.82
N THR A 489 -21.39 9.79 -19.54
CA THR A 489 -20.81 10.62 -18.50
C THR A 489 -19.28 10.41 -18.38
N LEU A 490 -18.84 9.15 -18.33
CA LEU A 490 -17.41 8.88 -18.10
C LEU A 490 -16.58 9.34 -19.28
N VAL A 491 -17.06 9.07 -20.49
CA VAL A 491 -16.39 9.60 -21.65
C VAL A 491 -16.25 11.12 -21.52
N PHE A 492 -17.29 11.84 -21.14
CA PHE A 492 -17.10 13.28 -21.13
C PHE A 492 -16.06 13.67 -20.10
N ALA A 493 -15.97 12.93 -19.01
CA ALA A 493 -15.05 13.29 -17.95
C ALA A 493 -13.63 13.20 -18.46
N PHE A 494 -13.43 12.42 -19.51
CA PHE A 494 -12.11 12.27 -20.08
C PHE A 494 -11.54 13.58 -20.54
N SER A 495 -12.37 14.43 -21.12
CA SER A 495 -11.89 15.72 -21.59
C SER A 495 -11.86 16.74 -20.46
N LYS A 496 -12.70 16.53 -19.47
CA LYS A 496 -12.78 17.42 -18.33
C LYS A 496 -11.65 17.20 -17.31
N TYR A 497 -11.50 15.97 -16.85
CA TYR A 497 -10.71 15.71 -15.68
C TYR A 497 -9.24 15.96 -15.91
N GLN A 498 -8.60 16.59 -14.93
CA GLN A 498 -7.16 16.79 -14.94
C GLN A 498 -6.49 15.81 -13.99
N HIS A 499 -5.17 15.80 -14.04
CA HIS A 499 -4.35 14.66 -13.64
C HIS A 499 -4.90 13.79 -12.50
N LYS A 500 -5.35 14.35 -11.39
CA LYS A 500 -5.67 13.52 -10.19
C LYS A 500 -6.97 12.68 -10.29
N ASN A 501 -7.98 13.22 -10.95
CA ASN A 501 -9.26 12.54 -11.07
C ASN A 501 -9.31 11.65 -12.27
N LEU A 502 -8.44 11.94 -13.22
CA LEU A 502 -8.25 11.08 -14.37
C LEU A 502 -7.88 9.69 -13.90
N LEU A 503 -6.92 9.61 -13.01
CA LEU A 503 -6.46 8.31 -12.49
C LEU A 503 -7.58 7.54 -11.86
N ILE A 504 -8.49 8.27 -11.23
CA ILE A 504 -9.67 7.67 -10.65
C ILE A 504 -10.68 7.28 -11.72
N LEU A 505 -10.76 8.06 -12.77
CA LEU A 505 -11.63 7.70 -13.86
C LEU A 505 -11.25 6.36 -14.43
N TYR A 506 -9.96 6.18 -14.64
CA TYR A 506 -9.44 4.94 -15.19
C TYR A 506 -9.84 3.82 -14.28
N ASP A 507 -9.79 4.02 -12.98
CA ASP A 507 -10.24 2.94 -12.08
C ASP A 507 -11.72 2.64 -12.30
N ALA A 508 -12.53 3.69 -12.39
CA ALA A 508 -13.96 3.53 -12.68
C ALA A 508 -14.22 2.77 -13.98
N ILE A 509 -13.56 3.16 -15.09
CA ILE A 509 -13.71 2.45 -16.35
C ILE A 509 -13.33 0.99 -16.20
N GLY A 510 -12.12 0.72 -15.77
CA GLY A 510 -11.68 -0.67 -15.63
C GLY A 510 -12.62 -1.48 -14.75
N THR A 511 -13.14 -0.87 -13.71
CA THR A 511 -14.06 -1.56 -12.82
C THR A 511 -15.40 -1.80 -13.55
N LEU A 512 -15.82 -0.85 -14.37
CA LEU A 512 -17.02 -1.04 -15.15
C LEU A 512 -16.86 -2.32 -15.96
N ALA A 513 -15.72 -2.38 -16.64
CA ALA A 513 -15.38 -3.46 -17.55
C ALA A 513 -15.36 -4.78 -16.85
N ASP A 514 -14.77 -4.85 -15.67
CA ASP A 514 -14.74 -6.12 -14.95
C ASP A 514 -16.13 -6.51 -14.50
N SER A 515 -16.99 -5.53 -14.29
CA SER A 515 -18.31 -5.79 -13.73
C SER A 515 -19.34 -6.17 -14.76
N VAL A 516 -19.28 -5.56 -15.93
CA VAL A 516 -20.23 -5.92 -17.00
C VAL A 516 -19.64 -6.73 -18.16
N GLY A 517 -18.36 -7.06 -18.10
CA GLY A 517 -17.73 -7.86 -19.15
C GLY A 517 -18.22 -7.63 -20.57
N HIS A 518 -18.76 -8.67 -21.16
CA HIS A 518 -18.94 -8.67 -22.60
C HIS A 518 -20.03 -7.71 -23.07
N HIS A 519 -20.91 -7.33 -22.14
CA HIS A 519 -21.93 -6.35 -22.44
C HIS A 519 -21.31 -5.04 -22.91
N LEU A 520 -20.04 -4.84 -22.59
CA LEU A 520 -19.35 -3.65 -23.05
C LEU A 520 -19.08 -3.71 -24.55
N ASN A 521 -18.99 -4.93 -25.09
CA ASN A 521 -18.68 -5.17 -26.50
C ASN A 521 -19.82 -4.84 -27.48
N LYS A 522 -20.05 -3.55 -27.69
CA LYS A 522 -21.02 -3.05 -28.64
C LYS A 522 -20.33 -1.96 -29.39
N PRO A 523 -20.51 -1.91 -30.71
CA PRO A 523 -19.91 -0.89 -31.54
C PRO A 523 -20.03 0.56 -31.04
N GLU A 524 -21.23 1.02 -30.70
CA GLU A 524 -21.37 2.43 -30.28
C GLU A 524 -20.61 2.67 -28.96
N TYR A 525 -20.68 1.73 -28.03
CA TYR A 525 -19.90 1.79 -26.79
C TYR A 525 -18.38 1.80 -27.02
N ILE A 526 -17.93 1.06 -28.02
CA ILE A 526 -16.52 1.07 -28.37
C ILE A 526 -16.15 2.38 -29.08
N GLN A 527 -17.03 2.88 -29.96
CA GLN A 527 -16.69 4.08 -30.74
C GLN A 527 -16.63 5.31 -29.86
N MET A 528 -17.20 5.21 -28.67
CA MET A 528 -17.15 6.35 -27.77
C MET A 528 -16.02 6.23 -26.76
N LEU A 529 -15.76 4.99 -26.33
CA LEU A 529 -14.79 4.72 -25.30
C LEU A 529 -13.34 4.69 -25.78
N MET A 530 -13.04 3.86 -26.77
CA MET A 530 -11.64 3.59 -27.13
C MET A 530 -10.81 4.78 -27.65
N PRO A 531 -11.41 5.71 -28.38
CA PRO A 531 -10.55 6.80 -28.85
C PRO A 531 -9.95 7.66 -27.73
N PRO A 532 -10.77 8.14 -26.77
CA PRO A 532 -10.19 8.89 -25.67
C PRO A 532 -9.20 8.11 -24.83
N LEU A 533 -9.44 6.81 -24.63
CA LEU A 533 -8.48 5.96 -23.92
C LEU A 533 -7.16 5.98 -24.63
N ILE A 534 -7.20 5.73 -25.93
CA ILE A 534 -5.99 5.63 -26.73
C ILE A 534 -5.26 6.98 -26.76
N GLN A 535 -6.01 8.05 -26.99
CA GLN A 535 -5.45 9.38 -26.87
C GLN A 535 -4.65 9.54 -25.57
N LYS A 536 -5.18 9.07 -24.45
CA LYS A 536 -4.47 9.23 -23.18
C LYS A 536 -3.26 8.32 -23.12
N TRP A 537 -3.41 7.11 -23.65
CA TRP A 537 -2.29 6.23 -23.95
C TRP A 537 -1.17 7.02 -24.62
N ASN A 538 -1.46 7.59 -25.77
CA ASN A 538 -0.42 8.22 -26.59
C ASN A 538 0.18 9.49 -26.00
N MET A 539 -0.59 10.29 -25.27
CA MET A 539 -0.03 11.47 -24.59
C MET A 539 1.00 11.07 -23.54
N LEU A 540 0.85 9.90 -22.91
CA LEU A 540 1.72 9.53 -21.78
C LEU A 540 3.08 9.02 -22.22
N LYS A 541 4.05 9.14 -21.32
CA LYS A 541 5.38 8.64 -21.54
C LYS A 541 5.70 7.45 -20.67
N ASP A 542 6.58 6.58 -21.17
CA ASP A 542 6.91 5.31 -20.48
C ASP A 542 7.50 5.50 -19.09
N GLU A 543 7.88 6.74 -18.79
CA GLU A 543 8.40 7.11 -17.50
C GLU A 543 7.27 7.44 -16.50
N ASP A 544 6.08 7.67 -17.03
CA ASP A 544 5.04 8.31 -16.26
C ASP A 544 4.27 7.26 -15.50
N LYS A 545 4.25 7.36 -14.18
CA LYS A 545 3.50 6.42 -13.35
C LYS A 545 1.97 6.46 -13.58
N ASP A 546 1.43 7.55 -14.13
CA ASP A 546 0.04 7.58 -14.54
C ASP A 546 -0.32 6.41 -15.44
N LEU A 547 0.68 5.77 -16.08
CA LEU A 547 0.45 4.53 -16.81
C LEU A 547 -0.18 3.44 -15.95
N PHE A 548 0.27 3.31 -14.72
CA PHE A 548 -0.19 2.14 -13.97
C PHE A 548 -1.72 2.03 -14.00
N PRO A 549 -2.45 3.06 -13.60
CA PRO A 549 -3.90 2.94 -13.61
C PRO A 549 -4.48 2.82 -15.00
N LEU A 550 -3.83 3.46 -15.98
CA LEU A 550 -4.29 3.37 -17.37
C LEU A 550 -4.20 1.97 -17.97
N LEU A 551 -3.12 1.27 -17.72
CA LEU A 551 -2.96 -0.04 -18.25
C LEU A 551 -3.77 -1.05 -17.49
N GLU A 552 -3.90 -0.89 -16.17
CA GLU A 552 -4.74 -1.81 -15.41
C GLU A 552 -6.13 -1.68 -16.04
N CYS A 553 -6.46 -0.46 -16.41
CA CYS A 553 -7.76 -0.15 -16.97
C CYS A 553 -7.97 -0.90 -18.28
N LEU A 554 -7.06 -0.73 -19.22
CA LEU A 554 -7.11 -1.40 -20.52
C LEU A 554 -7.05 -2.91 -20.36
N SER A 555 -6.19 -3.41 -19.50
CA SER A 555 -6.19 -4.81 -19.28
C SER A 555 -7.64 -5.27 -19.07
N SER A 556 -8.39 -4.52 -18.30
CA SER A 556 -9.72 -4.91 -17.96
C SER A 556 -10.64 -4.76 -19.14
N VAL A 557 -10.47 -3.68 -19.87
CA VAL A 557 -11.29 -3.43 -21.03
C VAL A 557 -11.07 -4.48 -22.08
N ALA A 558 -9.82 -4.73 -22.39
CA ALA A 558 -9.45 -5.73 -23.37
C ALA A 558 -10.10 -7.08 -23.07
N THR A 559 -9.95 -7.58 -21.85
CA THR A 559 -10.61 -8.81 -21.45
C THR A 559 -12.11 -8.80 -21.76
N ALA A 560 -12.70 -7.62 -21.71
CA ALA A 560 -14.13 -7.46 -21.90
C ALA A 560 -14.56 -7.17 -23.32
N LEU A 561 -13.71 -6.56 -24.12
CA LEU A 561 -14.05 -6.30 -25.51
C LEU A 561 -13.71 -7.50 -26.39
N GLN A 562 -12.84 -8.39 -25.90
CA GLN A 562 -12.34 -9.48 -26.72
C GLN A 562 -12.06 -9.04 -28.17
N SER A 563 -12.60 -9.76 -29.14
CA SER A 563 -12.41 -9.44 -30.54
C SER A 563 -12.59 -7.95 -30.86
N GLY A 564 -13.44 -7.26 -30.10
CA GLY A 564 -13.71 -5.82 -30.31
C GLY A 564 -12.46 -4.94 -30.23
N PHE A 565 -11.45 -5.44 -29.52
CA PHE A 565 -10.23 -4.70 -29.24
C PHE A 565 -9.21 -4.74 -30.38
N LEU A 566 -9.27 -5.78 -31.22
CA LEU A 566 -8.39 -5.92 -32.39
C LEU A 566 -7.91 -4.62 -33.04
N PRO A 567 -8.85 -3.74 -33.44
CA PRO A 567 -8.41 -2.47 -34.05
C PRO A 567 -7.43 -1.64 -33.19
N TYR A 568 -7.40 -1.89 -31.90
CA TYR A 568 -6.63 -1.07 -30.98
C TYR A 568 -5.42 -1.80 -30.42
N CYS A 569 -5.25 -3.10 -30.71
CA CYS A 569 -4.28 -3.91 -29.95
C CYS A 569 -2.82 -3.75 -30.35
N GLU A 570 -2.52 -3.68 -31.64
CA GLU A 570 -1.12 -3.83 -32.03
C GLU A 570 -0.20 -2.78 -31.38
N PRO A 571 -0.57 -1.48 -31.45
CA PRO A 571 0.26 -0.44 -30.81
C PRO A 571 0.44 -0.66 -29.29
N VAL A 572 -0.65 -1.05 -28.63
CA VAL A 572 -0.64 -1.37 -27.22
C VAL A 572 0.23 -2.59 -26.94
N TYR A 573 -0.03 -3.69 -27.62
CA TYR A 573 0.82 -4.88 -27.45
C TYR A 573 2.33 -4.50 -27.50
N GLN A 574 2.78 -3.93 -28.60
CA GLN A 574 4.21 -3.65 -28.74
C GLN A 574 4.79 -2.85 -27.61
N ARG A 575 4.10 -1.75 -27.26
CA ARG A 575 4.55 -0.86 -26.18
C ARG A 575 4.65 -1.59 -24.83
N CYS A 576 3.73 -2.50 -24.58
CA CYS A 576 3.81 -3.27 -23.38
C CYS A 576 5.01 -4.13 -23.38
N VAL A 577 5.30 -4.75 -24.51
CA VAL A 577 6.40 -5.70 -24.52
C VAL A 577 7.70 -4.91 -24.40
N ASN A 578 7.74 -3.74 -25.04
CA ASN A 578 8.90 -2.89 -24.95
C ASN A 578 9.12 -2.34 -23.57
N LEU A 579 8.06 -2.10 -22.81
CA LEU A 579 8.20 -1.62 -21.44
C LEU A 579 8.89 -2.62 -20.52
N VAL A 580 8.57 -3.88 -20.75
CA VAL A 580 9.19 -4.95 -20.02
C VAL A 580 10.66 -4.98 -20.41
N GLN A 581 10.90 -4.82 -21.70
CA GLN A 581 12.22 -4.86 -22.24
C GLN A 581 13.05 -3.75 -21.59
N LYS A 582 12.52 -2.55 -21.66
CA LYS A 582 13.11 -1.35 -21.15
C LYS A 582 13.49 -1.52 -19.69
N THR A 583 12.56 -2.05 -18.92
CA THR A 583 12.70 -2.23 -17.48
C THR A 583 13.79 -3.27 -17.17
N LEU A 584 13.78 -4.39 -17.89
CA LEU A 584 14.81 -5.40 -17.65
C LEU A 584 16.19 -4.86 -17.98
N ALA A 585 16.24 -3.93 -18.94
CA ALA A 585 17.48 -3.29 -19.34
C ALA A 585 17.95 -2.39 -18.24
N GLN A 586 17.10 -1.50 -17.72
CA GLN A 586 17.57 -0.60 -16.63
C GLN A 586 17.99 -1.45 -15.45
N ALA A 587 17.34 -2.58 -15.23
CA ALA A 587 17.77 -3.43 -14.12
C ALA A 587 19.18 -3.89 -14.36
N MET A 588 19.47 -4.36 -15.56
CA MET A 588 20.81 -4.84 -15.84
C MET A 588 21.87 -3.76 -15.67
N LEU A 589 21.52 -2.56 -16.10
CA LEU A 589 22.35 -1.41 -16.02
C LEU A 589 22.67 -1.04 -14.59
N ASN A 590 21.61 -0.84 -13.80
CA ASN A 590 21.80 -0.54 -12.39
C ASN A 590 22.66 -1.61 -11.72
N ASN A 591 22.44 -2.86 -12.07
CA ASN A 591 23.22 -3.93 -11.50
C ASN A 591 24.70 -3.79 -11.81
N ALA A 592 25.01 -3.28 -13.00
CA ALA A 592 26.39 -3.15 -13.47
C ALA A 592 27.05 -1.88 -12.94
N GLN A 593 26.34 -0.77 -13.00
CA GLN A 593 26.83 0.50 -12.49
C GLN A 593 25.85 1.07 -11.49
N PRO A 594 25.79 0.49 -10.28
CA PRO A 594 24.81 0.94 -9.30
C PRO A 594 24.90 2.41 -8.95
N ASP A 595 26.11 2.98 -9.00
CA ASP A 595 26.32 4.37 -8.59
C ASP A 595 25.97 5.36 -9.69
N GLN A 596 25.69 4.84 -10.88
CA GLN A 596 25.54 5.69 -12.04
C GLN A 596 24.18 5.58 -12.72
N TYR A 597 23.43 4.50 -12.43
CA TYR A 597 22.08 4.30 -12.96
C TYR A 597 21.09 3.84 -11.88
N GLU A 598 19.97 4.55 -11.80
CA GLU A 598 18.99 4.31 -10.77
C GLU A 598 18.28 2.99 -11.06
N ALA A 599 18.11 2.12 -10.06
CA ALA A 599 17.36 0.88 -10.28
C ALA A 599 15.98 1.22 -10.82
N PRO A 600 15.37 0.30 -11.57
CA PRO A 600 14.10 0.63 -12.21
C PRO A 600 12.91 0.38 -11.30
N ASP A 601 11.76 0.94 -11.66
CA ASP A 601 10.54 0.65 -10.91
C ASP A 601 9.87 -0.55 -11.56
N LYS A 602 10.02 -1.72 -10.94
CA LYS A 602 9.45 -2.91 -11.54
C LYS A 602 7.92 -2.94 -11.65
N ASP A 603 7.22 -1.98 -11.08
CA ASP A 603 5.78 -1.91 -11.31
C ASP A 603 5.44 -1.68 -12.79
N PHE A 604 6.34 -1.11 -13.58
CA PHE A 604 6.08 -0.93 -15.02
C PHE A 604 6.04 -2.26 -15.79
N MET A 605 6.90 -3.18 -15.37
CA MET A 605 6.99 -4.50 -15.94
C MET A 605 5.77 -5.34 -15.58
N ILE A 606 5.38 -5.30 -14.30
CA ILE A 606 4.21 -6.03 -13.81
C ILE A 606 2.92 -5.57 -14.51
N VAL A 607 2.75 -4.27 -14.59
CA VAL A 607 1.57 -3.73 -15.21
C VAL A 607 1.53 -4.12 -16.68
N ALA A 608 2.65 -4.02 -17.37
CA ALA A 608 2.70 -4.37 -18.79
C ALA A 608 2.44 -5.87 -19.00
N LEU A 609 3.09 -6.69 -18.19
CA LEU A 609 2.85 -8.12 -18.22
C LEU A 609 1.40 -8.45 -18.01
N ASP A 610 0.73 -7.73 -17.13
CA ASP A 610 -0.68 -8.02 -16.87
C ASP A 610 -1.63 -7.51 -17.98
N LEU A 611 -1.27 -6.46 -18.68
CA LEU A 611 -2.04 -6.08 -19.81
C LEU A 611 -1.94 -7.16 -20.88
N LEU A 612 -0.73 -7.68 -21.14
CA LEU A 612 -0.53 -8.70 -22.15
C LEU A 612 -1.31 -9.97 -21.83
N SER A 613 -1.39 -10.37 -20.56
CA SER A 613 -2.32 -11.43 -20.15
C SER A 613 -3.78 -11.09 -20.49
N GLY A 614 -4.20 -9.90 -20.12
CA GLY A 614 -5.55 -9.51 -20.39
C GLY A 614 -5.84 -9.58 -21.87
N LEU A 615 -4.81 -9.41 -22.67
CA LEU A 615 -4.92 -9.33 -24.13
C LEU A 615 -4.86 -10.72 -24.73
N ALA A 616 -4.08 -11.58 -24.10
CA ALA A 616 -4.03 -12.95 -24.49
C ALA A 616 -5.39 -13.60 -24.24
N GLU A 617 -6.00 -13.23 -23.10
CA GLU A 617 -7.29 -13.79 -22.64
C GLU A 617 -8.42 -13.26 -23.49
N GLY A 618 -8.40 -11.97 -23.75
CA GLY A 618 -9.42 -11.35 -24.57
C GLY A 618 -9.39 -11.84 -25.99
N LEU A 619 -8.21 -11.95 -26.57
CA LEU A 619 -8.07 -12.14 -28.00
C LEU A 619 -7.98 -13.58 -28.43
N GLY A 620 -7.61 -14.46 -27.51
CA GLY A 620 -7.32 -15.85 -27.85
C GLY A 620 -6.38 -15.96 -29.01
N GLY A 621 -6.67 -16.85 -29.92
CA GLY A 621 -5.84 -17.05 -31.08
C GLY A 621 -5.61 -15.80 -31.88
N ASN A 622 -6.47 -14.80 -31.77
CA ASN A 622 -6.21 -13.59 -32.54
C ASN A 622 -4.98 -12.84 -32.09
N ILE A 623 -4.40 -13.25 -30.96
CA ILE A 623 -3.15 -12.64 -30.53
C ILE A 623 -1.94 -13.20 -31.28
N GLU A 624 -2.08 -14.39 -31.86
CA GLU A 624 -0.97 -15.11 -32.53
C GLU A 624 -0.17 -14.26 -33.52
N GLN A 625 -0.82 -13.59 -34.44
CA GLN A 625 -0.08 -12.79 -35.42
C GLN A 625 0.89 -11.77 -34.74
N LEU A 626 0.58 -11.35 -33.51
CA LEU A 626 1.43 -10.44 -32.75
C LEU A 626 2.57 -11.16 -32.00
N VAL A 627 2.26 -12.24 -31.30
CA VAL A 627 3.30 -13.00 -30.64
C VAL A 627 4.35 -13.44 -31.65
N ALA A 628 3.91 -13.71 -32.89
CA ALA A 628 4.80 -14.12 -33.95
C ALA A 628 5.81 -13.07 -34.36
N ARG A 629 5.54 -11.78 -34.12
CA ARG A 629 6.52 -10.71 -34.40
C ARG A 629 7.21 -10.23 -33.14
N SER A 630 7.24 -11.04 -32.08
CA SER A 630 7.68 -10.50 -30.79
C SER A 630 8.76 -11.32 -30.08
N ASN A 631 9.52 -10.63 -29.23
CA ASN A 631 10.42 -11.29 -28.30
C ASN A 631 9.81 -11.52 -26.94
N ILE A 632 8.48 -11.47 -26.85
CA ILE A 632 7.84 -11.58 -25.53
C ILE A 632 8.26 -12.85 -24.81
N LEU A 633 8.44 -13.97 -25.49
CA LEU A 633 8.88 -15.21 -24.77
C LEU A 633 10.31 -15.11 -24.23
N THR A 634 11.15 -14.44 -25.00
CA THR A 634 12.52 -14.16 -24.59
C THR A 634 12.55 -13.36 -23.29
N LEU A 635 11.73 -12.33 -23.21
CA LEU A 635 11.63 -11.51 -22.03
C LEU A 635 11.00 -12.27 -20.88
N MET A 636 9.94 -13.01 -21.16
CA MET A 636 9.29 -13.81 -20.14
C MET A 636 10.28 -14.74 -19.45
N TYR A 637 11.29 -15.19 -20.18
CA TYR A 637 12.25 -16.09 -19.62
C TYR A 637 13.07 -15.39 -18.51
N GLN A 638 13.35 -14.11 -18.67
CA GLN A 638 13.99 -13.31 -17.63
C GLN A 638 13.04 -12.94 -16.52
N CYS A 639 11.79 -12.67 -16.90
CA CYS A 639 10.77 -12.32 -15.92
C CYS A 639 10.51 -13.45 -14.95
N MET A 640 10.39 -14.67 -15.47
CA MET A 640 10.19 -15.88 -14.67
C MET A 640 11.31 -16.11 -13.67
N GLN A 641 12.48 -15.53 -13.92
CA GLN A 641 13.63 -15.69 -13.03
C GLN A 641 13.88 -14.47 -12.11
N ASP A 642 13.01 -13.46 -12.18
CA ASP A 642 13.20 -12.26 -11.39
C ASP A 642 13.04 -12.59 -9.92
N LYS A 643 13.78 -11.92 -9.05
CA LYS A 643 13.75 -12.22 -7.60
C LYS A 643 12.55 -11.67 -6.85
N MET A 644 11.73 -10.89 -7.55
CA MET A 644 10.48 -10.32 -7.02
C MET A 644 9.25 -11.18 -7.40
N PRO A 645 8.56 -11.74 -6.39
CA PRO A 645 7.47 -12.66 -6.64
C PRO A 645 6.40 -12.14 -7.60
N GLU A 646 6.06 -10.89 -7.47
CA GLU A 646 4.95 -10.31 -8.21
C GLU A 646 5.24 -10.30 -9.73
N VAL A 647 6.51 -10.19 -10.07
CA VAL A 647 6.97 -10.34 -11.44
C VAL A 647 6.84 -11.77 -11.92
N ARG A 648 7.28 -12.73 -11.09
CA ARG A 648 7.19 -14.15 -11.47
C ARG A 648 5.72 -14.52 -11.60
N GLN A 649 4.95 -14.10 -10.61
CA GLN A 649 3.50 -14.27 -10.62
C GLN A 649 2.92 -13.82 -11.94
N SER A 650 3.15 -12.59 -12.31
CA SER A 650 2.58 -12.07 -13.53
C SER A 650 3.06 -12.85 -14.75
N SER A 651 4.31 -13.28 -14.76
CA SER A 651 4.80 -13.90 -15.97
C SER A 651 4.23 -15.33 -16.14
N PHE A 652 4.08 -16.09 -15.05
CA PHE A 652 3.43 -17.39 -15.15
C PHE A 652 1.95 -17.29 -15.56
N ALA A 653 1.31 -16.20 -15.20
CA ALA A 653 -0.04 -15.99 -15.66
C ALA A 653 -0.03 -15.85 -17.18
N LEU A 654 0.92 -15.10 -17.68
CA LEU A 654 0.98 -14.81 -19.10
C LEU A 654 1.36 -16.05 -19.86
N LEU A 655 2.17 -16.89 -19.23
CA LEU A 655 2.60 -18.12 -19.85
C LEU A 655 1.40 -18.98 -20.12
N GLY A 656 0.55 -19.13 -19.10
CA GLY A 656 -0.70 -19.88 -19.24
C GLY A 656 -1.55 -19.34 -20.36
N ASP A 657 -1.68 -18.03 -20.38
CA ASP A 657 -2.52 -17.41 -21.36
C ASP A 657 -2.04 -17.62 -22.77
N LEU A 658 -0.74 -17.52 -22.99
CA LEU A 658 -0.24 -17.74 -24.35
C LEU A 658 -0.27 -19.23 -24.72
N THR A 659 -0.02 -20.08 -23.73
CA THR A 659 -0.13 -21.50 -23.92
C THR A 659 -1.49 -21.84 -24.48
N LYS A 660 -2.54 -21.18 -24.00
CA LYS A 660 -3.89 -21.40 -24.54
C LYS A 660 -4.12 -20.76 -25.89
N ALA A 661 -3.65 -19.52 -26.06
CA ALA A 661 -4.01 -18.73 -27.24
C ALA A 661 -3.20 -19.07 -28.47
N CYS A 662 -1.94 -19.43 -28.27
CA CYS A 662 -0.99 -19.60 -29.38
C CYS A 662 0.24 -20.40 -28.94
N PHE A 663 0.01 -21.68 -28.69
CA PHE A 663 1.04 -22.57 -28.19
C PHE A 663 2.17 -22.84 -29.18
N GLN A 664 1.93 -22.68 -30.48
CA GLN A 664 2.98 -22.92 -31.45
C GLN A 664 4.25 -22.11 -31.13
N HIS A 665 4.08 -20.97 -30.47
CA HIS A 665 5.21 -20.11 -30.10
C HIS A 665 5.83 -20.42 -28.76
N VAL A 666 5.11 -21.15 -27.93
CA VAL A 666 5.54 -21.46 -26.58
C VAL A 666 6.27 -22.81 -26.56
N LYS A 667 5.91 -23.69 -27.48
CA LYS A 667 6.40 -25.08 -27.47
C LYS A 667 7.94 -25.18 -27.47
N PRO A 668 8.61 -24.32 -28.26
CA PRO A 668 10.07 -24.31 -28.23
C PRO A 668 10.67 -24.03 -26.86
N CYS A 669 10.01 -23.23 -26.04
CA CYS A 669 10.60 -22.84 -24.74
C CYS A 669 10.32 -23.77 -23.56
N ILE A 670 9.47 -24.76 -23.75
CA ILE A 670 9.00 -25.55 -22.62
C ILE A 670 10.12 -26.20 -21.86
N ALA A 671 11.18 -26.59 -22.59
CA ALA A 671 12.30 -27.34 -21.99
C ALA A 671 13.03 -26.50 -20.97
N ASP A 672 13.08 -25.19 -21.22
CA ASP A 672 13.73 -24.23 -20.36
C ASP A 672 12.76 -23.70 -19.34
N PHE A 673 11.49 -23.56 -19.72
CA PHE A 673 10.46 -23.10 -18.78
C PHE A 673 10.21 -24.14 -17.69
N MET A 674 9.92 -25.38 -18.09
CA MET A 674 9.50 -26.41 -17.12
C MET A 674 10.37 -26.51 -15.89
N PRO A 675 11.70 -26.42 -16.06
CA PRO A 675 12.55 -26.46 -14.87
C PRO A 675 12.23 -25.34 -13.91
N ILE A 676 11.98 -24.15 -14.44
CA ILE A 676 11.74 -22.95 -13.62
C ILE A 676 10.37 -23.01 -12.96
N LEU A 677 9.41 -23.52 -13.71
CA LEU A 677 8.10 -23.84 -13.15
C LEU A 677 8.28 -24.80 -11.96
N GLY A 678 9.18 -25.78 -12.14
CA GLY A 678 9.53 -26.70 -11.07
C GLY A 678 9.90 -26.00 -9.78
N THR A 679 10.84 -25.05 -9.86
CA THR A 679 11.33 -24.34 -8.68
C THR A 679 10.29 -23.45 -8.06
N ASN A 680 9.39 -22.95 -8.88
CA ASN A 680 8.37 -22.06 -8.38
C ASN A 680 7.12 -22.72 -7.80
N LEU A 681 7.06 -24.05 -7.84
CA LEU A 681 6.04 -24.80 -7.08
C LEU A 681 6.39 -24.75 -5.60
N ASN A 682 6.39 -23.54 -5.07
CA ASN A 682 6.79 -23.29 -3.72
C ASN A 682 5.71 -22.42 -3.10
N PRO A 683 5.00 -22.97 -2.12
CA PRO A 683 3.93 -22.23 -1.46
C PRO A 683 4.43 -21.21 -0.46
N GLU A 684 5.75 -21.00 -0.38
CA GLU A 684 6.21 -19.79 0.29
C GLU A 684 5.47 -18.60 -0.37
N PHE A 685 5.26 -18.64 -1.68
CA PHE A 685 4.57 -17.59 -2.40
C PHE A 685 3.29 -18.11 -3.09
N ILE A 686 2.20 -18.11 -2.35
CA ILE A 686 0.91 -18.61 -2.81
C ILE A 686 0.57 -18.28 -4.26
N SER A 687 0.58 -17.01 -4.62
CA SER A 687 0.15 -16.62 -5.95
C SER A 687 1.08 -17.05 -7.05
N VAL A 688 2.38 -17.04 -6.78
CA VAL A 688 3.35 -17.45 -7.79
C VAL A 688 3.15 -18.95 -8.07
N CYS A 689 2.75 -19.61 -7.03
CA CYS A 689 2.68 -21.01 -6.99
C CYS A 689 1.40 -21.43 -7.65
N ASN A 690 0.35 -20.73 -7.32
CA ASN A 690 -0.92 -20.90 -7.99
C ASN A 690 -0.80 -20.70 -9.52
N ASN A 691 -0.13 -19.64 -9.96
CA ASN A 691 -0.07 -19.37 -11.38
C ASN A 691 0.79 -20.36 -12.11
N ALA A 692 1.91 -20.74 -11.49
CA ALA A 692 2.77 -21.80 -12.04
C ALA A 692 1.99 -23.10 -12.18
N THR A 693 1.26 -23.43 -11.14
CA THR A 693 0.51 -24.66 -11.09
C THR A 693 -0.48 -24.64 -12.21
N TRP A 694 -1.27 -23.58 -12.26
CA TRP A 694 -2.23 -23.43 -13.33
C TRP A 694 -1.55 -23.58 -14.67
N ALA A 695 -0.47 -22.84 -14.86
CA ALA A 695 0.25 -22.82 -16.14
C ALA A 695 0.66 -24.23 -16.53
N ILE A 696 1.32 -24.94 -15.63
CA ILE A 696 1.75 -26.31 -15.92
C ILE A 696 0.61 -27.13 -16.53
N GLY A 697 -0.52 -27.14 -15.82
CA GLY A 697 -1.72 -27.79 -16.27
C GLY A 697 -2.13 -27.46 -17.68
N GLU A 698 -2.17 -26.18 -18.03
CA GLU A 698 -2.61 -25.80 -19.39
C GLU A 698 -1.62 -26.27 -20.43
N ILE A 699 -0.33 -26.26 -20.05
CA ILE A 699 0.78 -26.75 -20.87
C ILE A 699 0.55 -28.20 -21.25
N SER A 700 0.27 -29.03 -20.23
CA SER A 700 0.00 -30.45 -20.41
C SER A 700 -1.02 -30.70 -21.48
N ILE A 701 -2.13 -29.98 -21.41
CA ILE A 701 -3.17 -30.14 -22.43
C ILE A 701 -2.66 -29.91 -23.85
N GLN A 702 -1.57 -29.18 -24.01
CA GLN A 702 -1.00 -28.91 -25.34
C GLN A 702 0.13 -29.87 -25.74
N MET A 703 0.90 -30.32 -24.75
CA MET A 703 1.96 -31.27 -25.01
C MET A 703 1.41 -32.66 -25.35
N GLY A 704 0.37 -33.05 -24.63
CA GLY A 704 -0.13 -34.38 -24.75
C GLY A 704 0.92 -35.28 -24.16
N ILE A 705 1.15 -36.41 -24.82
CA ILE A 705 2.12 -37.43 -24.37
C ILE A 705 3.56 -36.88 -24.26
N GLU A 706 3.87 -35.89 -25.09
CA GLU A 706 5.21 -35.31 -25.13
C GLU A 706 5.63 -34.67 -23.79
N MET A 707 4.66 -34.50 -22.90
CA MET A 707 4.87 -34.00 -21.55
C MET A 707 5.67 -34.95 -20.67
N GLN A 708 5.76 -36.21 -21.08
CA GLN A 708 6.36 -37.30 -20.29
C GLN A 708 7.74 -36.98 -19.66
N PRO A 709 8.66 -36.33 -20.41
CA PRO A 709 9.98 -35.98 -19.86
C PRO A 709 9.93 -35.01 -18.70
N TYR A 710 8.89 -34.17 -18.65
CA TYR A 710 8.85 -33.04 -17.72
C TYR A 710 8.17 -33.31 -16.38
N ILE A 711 7.33 -34.33 -16.32
CA ILE A 711 6.56 -34.66 -15.10
C ILE A 711 7.39 -34.89 -13.84
N PRO A 712 8.52 -35.58 -13.94
CA PRO A 712 9.23 -35.73 -12.67
C PRO A 712 9.55 -34.40 -11.97
N MET A 713 9.82 -33.34 -12.75
CA MET A 713 10.22 -32.00 -12.22
C MET A 713 9.21 -31.30 -11.31
N VAL A 714 7.97 -31.79 -11.33
CA VAL A 714 6.85 -31.10 -10.74
C VAL A 714 5.99 -32.00 -9.85
N LEU A 715 5.75 -33.25 -10.26
CA LEU A 715 4.81 -34.12 -9.59
C LEU A 715 5.00 -34.19 -8.09
N HIS A 716 6.21 -34.47 -7.62
CA HIS A 716 6.38 -34.62 -6.17
C HIS A 716 5.87 -33.39 -5.40
N GLN A 717 6.18 -32.21 -5.92
CA GLN A 717 5.79 -31.02 -5.19
C GLN A 717 4.33 -30.65 -5.44
N LEU A 718 3.81 -30.98 -6.61
CA LEU A 718 2.35 -30.92 -6.75
C LEU A 718 1.65 -31.72 -5.64
N VAL A 719 2.06 -32.99 -5.46
CA VAL A 719 1.50 -33.85 -4.42
C VAL A 719 1.75 -33.24 -3.03
N GLU A 720 2.96 -32.77 -2.79
CA GLU A 720 3.28 -32.15 -1.49
C GLU A 720 2.28 -31.03 -1.20
N ILE A 721 1.99 -30.22 -2.22
CA ILE A 721 1.14 -29.05 -2.05
C ILE A 721 -0.30 -29.47 -1.78
N ILE A 722 -0.82 -30.39 -2.57
CA ILE A 722 -2.20 -30.82 -2.41
C ILE A 722 -2.41 -31.44 -1.02
N ASN A 723 -1.37 -32.04 -0.44
CA ASN A 723 -1.48 -32.65 0.90
C ASN A 723 -1.09 -31.73 2.06
N ARG A 724 -0.83 -30.47 1.79
CA ARG A 724 -0.27 -29.58 2.78
C ARG A 724 -1.39 -28.92 3.58
N PRO A 725 -1.30 -28.90 4.92
CA PRO A 725 -2.37 -28.29 5.71
C PRO A 725 -2.35 -26.77 5.65
N ASN A 726 -3.52 -26.16 5.86
CA ASN A 726 -3.70 -24.71 5.72
C ASN A 726 -3.13 -24.19 4.39
N THR A 727 -3.66 -24.72 3.30
CA THR A 727 -3.34 -24.27 1.95
C THR A 727 -4.63 -23.72 1.34
N PRO A 728 -4.58 -22.53 0.75
CA PRO A 728 -5.83 -21.94 0.25
C PRO A 728 -6.55 -22.86 -0.73
N LYS A 729 -7.87 -22.74 -0.81
CA LYS A 729 -8.65 -23.66 -1.61
C LYS A 729 -8.43 -23.47 -3.13
N THR A 730 -8.30 -22.23 -3.60
CA THR A 730 -8.12 -21.99 -5.04
C THR A 730 -6.80 -22.59 -5.51
N LEU A 731 -5.81 -22.60 -4.63
CA LEU A 731 -4.55 -23.27 -4.93
C LEU A 731 -4.75 -24.78 -4.96
N LEU A 732 -5.46 -25.32 -3.97
CA LEU A 732 -5.74 -26.76 -3.93
C LEU A 732 -6.48 -27.21 -5.19
N GLU A 733 -7.53 -26.48 -5.55
CA GLU A 733 -8.28 -26.75 -6.76
C GLU A 733 -7.36 -26.82 -7.98
N ASN A 734 -6.45 -25.87 -8.09
CA ASN A 734 -5.62 -25.78 -9.27
C ASN A 734 -4.67 -26.97 -9.37
N THR A 735 -4.06 -27.29 -8.23
CA THR A 735 -3.21 -28.45 -8.10
C THR A 735 -3.94 -29.71 -8.41
N ALA A 736 -5.16 -29.83 -7.91
CA ALA A 736 -5.98 -31.00 -8.19
C ALA A 736 -6.22 -31.12 -9.66
N ILE A 737 -6.68 -30.04 -10.25
CA ILE A 737 -6.88 -29.95 -11.69
C ILE A 737 -5.60 -30.15 -12.48
N THR A 738 -4.44 -29.80 -11.95
CA THR A 738 -3.23 -29.90 -12.78
C THR A 738 -2.77 -31.35 -12.76
N ILE A 739 -2.68 -31.93 -11.58
CA ILE A 739 -2.42 -33.35 -11.45
C ILE A 739 -3.37 -34.13 -12.36
N GLY A 740 -4.65 -33.84 -12.23
CA GLY A 740 -5.62 -34.41 -13.14
C GLY A 740 -5.20 -34.34 -14.59
N ARG A 741 -4.78 -33.18 -15.02
CA ARG A 741 -4.44 -32.98 -16.43
C ARG A 741 -3.16 -33.69 -16.81
N LEU A 742 -2.23 -33.86 -15.87
CA LEU A 742 -0.99 -34.58 -16.14
C LEU A 742 -1.26 -36.06 -16.34
N GLY A 743 -2.00 -36.64 -15.39
CA GLY A 743 -2.43 -38.03 -15.47
C GLY A 743 -3.18 -38.35 -16.76
N TYR A 744 -3.93 -37.38 -17.29
CA TYR A 744 -4.73 -37.62 -18.47
C TYR A 744 -3.82 -37.87 -19.64
N VAL A 745 -2.78 -37.06 -19.77
CA VAL A 745 -1.85 -37.21 -20.90
C VAL A 745 -0.73 -38.20 -20.60
N CYS A 746 -0.39 -38.41 -19.33
CA CYS A 746 0.69 -39.30 -18.93
C CYS A 746 0.36 -40.10 -17.67
N PRO A 747 -0.64 -40.98 -17.75
CA PRO A 747 -1.12 -41.73 -16.59
C PRO A 747 -0.05 -42.61 -16.00
N GLN A 748 0.84 -43.08 -16.87
CA GLN A 748 1.89 -44.03 -16.48
C GLN A 748 2.78 -43.44 -15.38
N GLU A 749 3.16 -42.17 -15.56
CA GLU A 749 4.03 -41.45 -14.62
C GLU A 749 3.27 -41.00 -13.41
N VAL A 750 2.01 -40.58 -13.60
CA VAL A 750 1.23 -39.96 -12.51
C VAL A 750 0.55 -40.99 -11.59
N ALA A 751 -0.19 -41.91 -12.21
CA ALA A 751 -1.03 -42.89 -11.47
C ALA A 751 -0.33 -43.54 -10.29
N PRO A 752 0.92 -43.98 -10.47
CA PRO A 752 1.57 -44.62 -9.32
C PRO A 752 1.44 -43.90 -7.96
N MET A 753 1.47 -42.56 -7.96
CA MET A 753 1.40 -41.78 -6.70
C MET A 753 -0.04 -41.43 -6.28
N LEU A 754 -0.99 -41.87 -7.11
CA LEU A 754 -2.43 -41.76 -6.82
C LEU A 754 -2.80 -42.05 -5.38
N GLN A 755 -2.37 -43.20 -4.87
CA GLN A 755 -2.64 -43.57 -3.47
C GLN A 755 -2.46 -42.35 -2.56
N GLN A 756 -1.47 -41.51 -2.88
CA GLN A 756 -1.10 -40.36 -2.04
C GLN A 756 -1.88 -39.07 -2.29
N PHE A 757 -2.50 -38.92 -3.46
CA PHE A 757 -3.22 -37.67 -3.73
C PHE A 757 -4.76 -37.74 -3.82
N ILE A 758 -5.32 -38.94 -3.94
CA ILE A 758 -6.74 -39.06 -4.28
C ILE A 758 -7.67 -38.45 -3.23
N ARG A 759 -7.30 -38.50 -1.96
CA ARG A 759 -8.18 -37.96 -0.92
C ARG A 759 -8.42 -36.46 -1.16
N PRO A 760 -7.39 -35.61 -1.02
CA PRO A 760 -7.61 -34.17 -1.17
C PRO A 760 -7.98 -33.75 -2.59
N TRP A 761 -7.47 -34.47 -3.58
CA TRP A 761 -7.92 -34.29 -4.94
C TRP A 761 -9.44 -34.37 -5.01
N CYS A 762 -10.00 -35.36 -4.32
CA CYS A 762 -11.43 -35.59 -4.38
C CYS A 762 -12.15 -34.59 -3.51
N THR A 763 -11.63 -34.38 -2.31
CA THR A 763 -12.19 -33.40 -1.41
C THR A 763 -12.17 -32.00 -2.05
N SER A 764 -11.16 -31.68 -2.84
CA SER A 764 -11.09 -30.38 -3.49
C SER A 764 -12.09 -30.19 -4.64
N LEU A 765 -12.15 -31.15 -5.55
CA LEU A 765 -12.92 -30.96 -6.81
C LEU A 765 -14.41 -31.36 -6.75
N ARG A 766 -14.78 -32.11 -5.72
CA ARG A 766 -16.15 -32.19 -5.19
C ARG A 766 -16.93 -30.88 -5.32
N ASN A 767 -16.29 -29.78 -4.94
CA ASN A 767 -16.94 -28.48 -4.77
C ASN A 767 -17.02 -27.57 -5.97
N ILE A 768 -16.26 -27.81 -7.03
CA ILE A 768 -16.22 -26.88 -8.16
C ILE A 768 -17.34 -27.21 -9.12
N ARG A 769 -17.78 -26.22 -9.88
CA ARG A 769 -18.92 -26.40 -10.77
C ARG A 769 -18.58 -27.29 -11.95
N ASP A 770 -19.61 -27.84 -12.57
CA ASP A 770 -19.47 -28.64 -13.76
C ASP A 770 -19.04 -27.78 -14.94
N ASN A 771 -17.73 -27.58 -15.05
CA ASN A 771 -17.16 -26.78 -16.13
C ASN A 771 -16.08 -27.58 -16.86
N GLU A 772 -15.43 -26.94 -17.82
CA GLU A 772 -14.38 -27.59 -18.61
C GLU A 772 -13.16 -27.97 -17.80
N GLU A 773 -12.80 -27.19 -16.81
CA GLU A 773 -11.64 -27.54 -16.00
C GLU A 773 -11.96 -28.84 -15.31
N LYS A 774 -13.11 -28.91 -14.64
CA LYS A 774 -13.52 -30.11 -13.90
C LYS A 774 -13.43 -31.33 -14.79
N ASP A 775 -14.12 -31.28 -15.92
CA ASP A 775 -14.08 -32.32 -16.94
C ASP A 775 -12.66 -32.84 -17.13
N SER A 776 -11.79 -31.99 -17.66
CA SER A 776 -10.39 -32.33 -17.86
C SER A 776 -9.84 -33.14 -16.72
N ALA A 777 -9.99 -32.63 -15.51
CA ALA A 777 -9.34 -33.26 -14.37
C ALA A 777 -9.95 -34.63 -14.10
N PHE A 778 -11.27 -34.72 -14.21
CA PHE A 778 -11.95 -35.98 -13.95
C PHE A 778 -11.58 -37.06 -14.96
N ARG A 779 -11.51 -36.69 -16.24
CA ARG A 779 -11.02 -37.61 -17.27
C ARG A 779 -9.70 -38.19 -16.79
N GLY A 780 -8.79 -37.31 -16.42
CA GLY A 780 -7.44 -37.71 -16.04
C GLY A 780 -7.40 -38.63 -14.84
N ILE A 781 -8.29 -38.41 -13.89
CA ILE A 781 -8.38 -39.31 -12.74
C ILE A 781 -8.93 -40.66 -13.21
N CYS A 782 -9.92 -40.66 -14.11
CA CYS A 782 -10.48 -41.92 -14.61
C CYS A 782 -9.43 -42.83 -15.25
N THR A 783 -8.69 -42.25 -16.18
CA THR A 783 -7.50 -42.87 -16.75
C THR A 783 -6.52 -43.45 -15.69
N MET A 784 -6.13 -42.63 -14.72
CA MET A 784 -5.21 -43.10 -13.70
C MET A 784 -5.79 -44.22 -12.81
N ILE A 785 -7.12 -44.42 -12.81
CA ILE A 785 -7.73 -45.46 -11.94
C ILE A 785 -7.51 -46.82 -12.59
N SER A 786 -7.99 -46.93 -13.84
CA SER A 786 -7.82 -48.16 -14.60
C SER A 786 -6.40 -48.63 -14.37
N VAL A 787 -5.47 -47.71 -14.59
CA VAL A 787 -4.05 -48.00 -14.58
C VAL A 787 -3.47 -48.32 -13.19
N ASN A 788 -4.10 -47.89 -12.10
CA ASN A 788 -3.60 -48.23 -10.75
C ASN A 788 -4.72 -48.31 -9.67
N PRO A 789 -5.63 -49.28 -9.80
CA PRO A 789 -6.81 -49.29 -8.95
C PRO A 789 -6.45 -49.46 -7.49
N SER A 790 -5.30 -50.05 -7.21
CA SER A 790 -4.75 -50.07 -5.86
C SER A 790 -4.75 -48.69 -5.21
N GLY A 791 -4.83 -47.63 -6.03
CA GLY A 791 -4.85 -46.24 -5.54
C GLY A 791 -6.17 -45.78 -4.94
N VAL A 792 -7.25 -46.01 -5.66
CA VAL A 792 -8.57 -45.61 -5.20
C VAL A 792 -9.16 -46.53 -4.14
N ILE A 793 -8.81 -47.82 -4.21
CA ILE A 793 -9.55 -48.84 -3.48
C ILE A 793 -9.76 -48.43 -2.05
N GLN A 794 -8.69 -48.11 -1.36
CA GLN A 794 -8.80 -47.83 0.07
C GLN A 794 -9.69 -46.63 0.35
N ASP A 795 -9.71 -45.65 -0.56
CA ASP A 795 -10.50 -44.43 -0.38
C ASP A 795 -11.54 -44.26 -1.50
N PHE A 796 -12.12 -45.36 -1.95
CA PHE A 796 -12.98 -45.37 -3.14
C PHE A 796 -14.32 -44.66 -2.94
N ILE A 797 -14.73 -44.46 -1.70
CA ILE A 797 -15.95 -43.71 -1.47
C ILE A 797 -15.78 -42.27 -1.95
N PHE A 798 -14.60 -41.72 -1.74
CA PHE A 798 -14.31 -40.34 -2.09
C PHE A 798 -14.54 -40.14 -3.57
N PHE A 799 -14.11 -41.13 -4.34
CA PHE A 799 -14.32 -41.06 -5.77
C PHE A 799 -15.79 -41.08 -6.16
N CYS A 800 -16.58 -41.89 -5.48
CA CYS A 800 -18.02 -41.95 -5.71
C CYS A 800 -18.68 -40.61 -5.42
N ASP A 801 -18.35 -40.05 -4.26
CA ASP A 801 -18.78 -38.72 -3.86
C ASP A 801 -18.41 -37.70 -4.93
N ALA A 802 -17.17 -37.78 -5.40
CA ALA A 802 -16.69 -36.90 -6.43
C ALA A 802 -17.51 -37.09 -7.68
N VAL A 803 -17.74 -38.32 -8.08
CA VAL A 803 -18.58 -38.57 -9.25
C VAL A 803 -20.00 -38.00 -9.09
N ALA A 804 -20.55 -38.09 -7.88
CA ALA A 804 -21.88 -37.59 -7.62
C ALA A 804 -21.94 -36.05 -7.54
N SER A 805 -20.78 -35.40 -7.40
CA SER A 805 -20.70 -33.95 -7.62
C SER A 805 -21.24 -33.46 -8.98
N TRP A 806 -21.26 -34.32 -9.99
CA TRP A 806 -21.65 -33.93 -11.37
C TRP A 806 -23.14 -33.99 -11.68
N ILE A 807 -23.71 -32.87 -12.15
CA ILE A 807 -25.13 -32.77 -12.40
C ILE A 807 -25.44 -33.26 -13.80
N ASN A 808 -24.82 -32.67 -14.83
CA ASN A 808 -24.82 -33.32 -16.16
C ASN A 808 -23.42 -33.36 -16.78
N PRO A 809 -22.75 -34.49 -16.58
CA PRO A 809 -21.48 -34.74 -17.20
C PRO A 809 -21.68 -34.85 -18.68
N LYS A 810 -20.65 -34.50 -19.44
CA LYS A 810 -20.64 -34.85 -20.86
C LYS A 810 -20.79 -36.35 -20.91
N ASP A 811 -21.46 -36.82 -21.97
CA ASP A 811 -21.78 -38.23 -22.08
C ASP A 811 -20.54 -39.10 -21.95
N ASP A 812 -19.46 -38.76 -22.65
CA ASP A 812 -18.34 -39.68 -22.66
C ASP A 812 -17.69 -39.83 -21.29
N LEU A 813 -17.79 -38.78 -20.47
CA LEU A 813 -17.30 -38.84 -19.09
C LEU A 813 -18.26 -39.65 -18.22
N ARG A 814 -19.56 -39.49 -18.46
CA ARG A 814 -20.56 -40.31 -17.80
C ARG A 814 -20.26 -41.78 -18.06
N ASP A 815 -19.90 -42.09 -19.29
CA ASP A 815 -19.63 -43.47 -19.65
C ASP A 815 -18.32 -43.98 -19.03
N MET A 816 -17.34 -43.12 -18.78
CA MET A 816 -16.17 -43.55 -18.00
C MET A 816 -16.51 -43.78 -16.54
N PHE A 817 -17.50 -43.06 -16.04
CA PHE A 817 -17.93 -43.23 -14.65
C PHE A 817 -18.62 -44.59 -14.51
N CYS A 818 -19.53 -44.90 -15.44
CA CYS A 818 -20.14 -46.24 -15.52
C CYS A 818 -19.08 -47.32 -15.38
N LYS A 819 -18.19 -47.39 -16.38
CA LYS A 819 -17.11 -48.37 -16.42
C LYS A 819 -16.42 -48.60 -15.07
N ILE A 820 -15.92 -47.53 -14.47
CA ILE A 820 -15.19 -47.67 -13.21
C ILE A 820 -16.08 -48.17 -12.08
N LEU A 821 -17.35 -47.80 -12.12
CA LEU A 821 -18.26 -48.15 -11.04
C LEU A 821 -18.78 -49.56 -11.21
N HIS A 822 -19.26 -49.87 -12.41
CA HIS A 822 -19.57 -51.26 -12.70
C HIS A 822 -18.31 -52.07 -12.46
N GLY A 823 -17.22 -51.71 -13.12
CA GLY A 823 -15.91 -52.31 -12.85
C GLY A 823 -15.68 -52.71 -11.39
N PHE A 824 -15.97 -51.81 -10.46
CA PHE A 824 -15.76 -52.13 -9.06
C PHE A 824 -16.88 -52.97 -8.48
N LYS A 825 -18.10 -52.78 -8.97
CA LYS A 825 -19.28 -53.50 -8.48
C LYS A 825 -19.21 -54.97 -8.91
N ASN A 826 -18.98 -55.22 -10.19
CA ASN A 826 -18.79 -56.57 -10.71
C ASN A 826 -17.64 -57.25 -9.98
N GLN A 827 -16.44 -56.73 -10.21
CA GLN A 827 -15.17 -57.33 -9.74
C GLN A 827 -15.08 -57.55 -8.23
N VAL A 828 -15.77 -56.74 -7.43
CA VAL A 828 -15.74 -56.93 -5.98
C VAL A 828 -16.71 -58.03 -5.54
N GLY A 829 -17.88 -58.07 -6.17
CA GLY A 829 -18.95 -58.97 -5.75
C GLY A 829 -20.29 -58.26 -5.65
N ASP A 830 -21.26 -58.68 -6.46
CA ASP A 830 -22.51 -57.94 -6.69
C ASP A 830 -23.42 -57.77 -5.44
N GLU A 831 -22.99 -58.24 -4.27
CA GLU A 831 -23.62 -57.84 -3.00
C GLU A 831 -22.63 -57.47 -1.87
N ASN A 832 -21.32 -57.48 -2.17
CA ASN A 832 -20.34 -56.70 -1.39
C ASN A 832 -20.52 -55.22 -1.66
N TRP A 833 -20.90 -54.92 -2.90
CA TRP A 833 -21.35 -53.59 -3.29
C TRP A 833 -22.45 -53.09 -2.37
N ARG A 834 -23.49 -53.90 -2.17
CA ARG A 834 -24.60 -53.48 -1.32
C ARG A 834 -24.16 -53.29 0.13
N ARG A 835 -23.13 -54.00 0.57
CA ARG A 835 -22.57 -53.75 1.91
C ARG A 835 -21.97 -52.34 1.96
N PHE A 836 -21.11 -52.09 0.99
CA PHE A 836 -20.37 -50.85 0.85
C PHE A 836 -21.27 -49.66 0.54
N SER A 837 -22.32 -49.91 -0.24
CA SER A 837 -23.23 -48.85 -0.67
C SER A 837 -24.00 -48.20 0.47
N ASP A 838 -24.22 -48.93 1.56
CA ASP A 838 -25.15 -48.49 2.60
C ASP A 838 -24.57 -47.45 3.56
N GLN A 839 -23.31 -47.07 3.38
CA GLN A 839 -22.76 -45.94 4.14
C GLN A 839 -22.70 -44.67 3.29
N PHE A 840 -23.21 -44.74 2.06
CA PHE A 840 -23.44 -43.54 1.25
C PHE A 840 -24.59 -42.77 1.85
N PRO A 841 -24.48 -41.44 1.94
CA PRO A 841 -25.70 -40.69 2.22
C PRO A 841 -26.76 -40.89 1.12
N LEU A 842 -27.99 -40.47 1.39
CA LEU A 842 -29.11 -40.75 0.50
C LEU A 842 -28.93 -40.16 -0.89
N PRO A 843 -28.78 -38.84 -1.01
CA PRO A 843 -28.65 -38.32 -2.37
C PRO A 843 -27.59 -39.06 -3.15
N LEU A 844 -26.44 -39.28 -2.52
CA LEU A 844 -25.34 -39.96 -3.16
C LEU A 844 -25.79 -41.32 -3.67
N LYS A 845 -26.30 -42.15 -2.77
CA LYS A 845 -26.72 -43.50 -3.14
C LYS A 845 -27.64 -43.46 -4.37
N GLU A 846 -28.66 -42.62 -4.29
CA GLU A 846 -29.70 -42.56 -5.33
C GLU A 846 -29.16 -41.92 -6.63
N ARG A 847 -28.37 -40.86 -6.50
CA ARG A 847 -27.69 -40.24 -7.64
C ARG A 847 -26.92 -41.30 -8.40
N LEU A 848 -26.23 -42.18 -7.68
CA LEU A 848 -25.46 -43.21 -8.34
C LEU A 848 -26.33 -44.27 -9.00
N ALA A 849 -27.48 -44.55 -8.38
CA ALA A 849 -28.33 -45.66 -8.79
C ALA A 849 -29.08 -45.35 -10.07
N ALA A 850 -29.59 -44.12 -10.16
CA ALA A 850 -30.38 -43.71 -11.29
C ALA A 850 -29.48 -43.39 -12.44
N PHE A 851 -28.34 -42.75 -12.15
CA PHE A 851 -27.43 -42.31 -13.20
C PHE A 851 -26.56 -43.46 -13.77
N TYR A 852 -26.05 -44.31 -12.90
CA TYR A 852 -25.03 -45.26 -13.33
C TYR A 852 -25.46 -46.73 -13.17
N GLY A 853 -26.73 -46.97 -12.83
CA GLY A 853 -27.25 -48.32 -12.68
C GLY A 853 -26.52 -49.11 -11.60
N VAL A 854 -26.03 -48.38 -10.60
CA VAL A 854 -25.10 -48.93 -9.63
C VAL A 854 -25.58 -48.68 -8.20
N ARG B 20 -2.98 1.76 -3.90
CA ARG B 20 -1.92 2.63 -4.50
C ARG B 20 -2.43 4.03 -4.93
N GLY B 21 -3.30 4.64 -4.11
CA GLY B 21 -3.76 6.02 -4.36
C GLY B 21 -4.54 6.28 -5.65
N ARG B 22 -5.42 5.34 -6.00
CA ARG B 22 -6.48 5.56 -6.99
C ARG B 22 -7.86 5.42 -6.32
N TYR B 23 -7.92 4.73 -5.18
CA TYR B 23 -9.08 4.75 -4.27
C TYR B 23 -8.99 6.05 -3.46
N ARG B 24 -10.07 6.83 -3.46
CA ARG B 24 -10.17 8.07 -2.65
C ARG B 24 -10.69 7.84 -1.19
N SER B 25 -10.18 8.65 -0.26
CA SER B 25 -10.56 8.52 1.13
C SER B 25 -10.35 9.82 1.90
N PRO B 26 -11.33 10.19 2.74
CA PRO B 26 -11.11 11.33 3.61
C PRO B 26 -10.04 11.12 4.72
N TYR B 27 -9.57 9.88 4.93
CA TYR B 27 -8.49 9.62 5.88
C TYR B 27 -7.54 8.44 5.44
#